data_9KOK
#
_entry.id   9KOK
#
_cell.length_a   94.066
_cell.length_b   94.066
_cell.length_c   238.496
_cell.angle_alpha   90.00
_cell.angle_beta   90.00
_cell.angle_gamma   120.00
#
_symmetry.space_group_name_H-M   'P 32 2 1'
#
loop_
_entity.id
_entity.type
_entity.pdbx_description
1 polymer 'NAD+ dependent aldehyde dehydrogenase ExaC'
2 non-polymer NICOTINAMIDE-ADENINE-DINUCLEOTIDE
3 non-polymer GLYCEROL
4 non-polymer 'MAGNESIUM ION'
5 water water
#
_entity_poly.entity_id   1
_entity_poly.type   'polypeptide(L)'
_entity_poly.pdbx_seq_one_letter_code
;SMIYAAPGTPGAVVTFKPRYGNYIGGEFVPPVKGQYFTNTSPVNGQPIAEFPRSTAEDIDKALDAAHAAAEAWGRTSVQE
RSNILLKIADRIEQNLELLAVTETWDNGKAVRETLNADIPLAADHFRYFAGCIRAQEGSAAEINDSTVAYHIHEPLGVVG
QIIPWNFPLLMAAWKLAPALAAGNCVVLKPAEQTPLGICVLLELIGDLLPPGVLNVVQGFGREAGEALATSKRIAKIAFT
GSTPVGSHILKCAAENIIPSTVELGGKSPNIYFEDIMQAEPAFIEKAAEGLVLAFFNQGEV(SCY)TCPSRALVQESIYP
AFMEEVLKKVRAIKRGDPLDTETMVGAQASQQQYEKILSYLDIAQQEGAELLAGGSVEKLEGNLASGYYIQPTLLKGHNG
MRVFQEEIFGPVVGVTTFKDEAEALAIANDTEYGLGAGLWTRDINRAYRMGRGIKAGRVWTNCYHLYPAHAAFGGYKKSG
VGRETHKMMLDHYQQTKNLLVSYDINPLGFF
;
_entity_poly.pdbx_strand_id   A,B
#
loop_
_chem_comp.id
_chem_comp.type
_chem_comp.name
_chem_comp.formula
GOL non-polymer GLYCEROL 'C3 H8 O3'
MG non-polymer 'MAGNESIUM ION' 'Mg 2'
NAD non-polymer NICOTINAMIDE-ADENINE-DINUCLEOTIDE 'C21 H27 N7 O14 P2'
#
# COMPACT_ATOMS: atom_id res chain seq x y z
N SER A 1 -15.68 30.85 30.39
CA SER A 1 -16.01 31.60 29.18
C SER A 1 -15.07 32.78 29.00
N MET A 2 -14.35 32.84 27.89
CA MET A 2 -13.40 33.94 27.69
C MET A 2 -13.21 34.24 26.22
N ILE A 3 -12.68 35.43 25.96
CA ILE A 3 -12.40 35.92 24.60
C ILE A 3 -10.90 36.18 24.52
N TYR A 4 -10.24 35.57 23.54
CA TYR A 4 -8.83 35.84 23.33
C TYR A 4 -8.69 37.08 22.48
N ALA A 5 -7.80 37.99 22.88
CA ALA A 5 -7.48 39.16 22.07
C ALA A 5 -6.82 38.74 20.76
N ALA A 6 -7.09 39.48 19.70
CA ALA A 6 -6.48 39.20 18.42
C ALA A 6 -4.96 39.34 18.52
N PRO A 7 -4.20 38.48 17.85
CA PRO A 7 -2.73 38.52 17.97
C PRO A 7 -2.16 39.89 17.68
N GLY A 8 -1.15 40.27 18.46
CA GLY A 8 -0.50 41.55 18.31
C GLY A 8 -1.22 42.73 18.94
N THR A 9 -2.42 42.54 19.44
CA THR A 9 -3.12 43.59 20.15
C THR A 9 -2.91 43.42 21.65
N PRO A 10 -3.18 44.46 22.45
CA PRO A 10 -2.89 44.35 23.88
C PRO A 10 -3.66 43.20 24.49
N GLY A 11 -2.97 42.42 25.32
CA GLY A 11 -3.54 41.26 25.95
C GLY A 11 -3.45 39.98 25.14
N ALA A 12 -3.01 40.03 23.88
CA ALA A 12 -2.94 38.83 23.06
C ALA A 12 -1.90 37.86 23.59
N VAL A 13 -2.16 36.56 23.41
CA VAL A 13 -1.21 35.55 23.83
C VAL A 13 -0.07 35.35 22.84
N VAL A 14 -0.07 36.05 21.71
CA VAL A 14 0.96 35.84 20.70
C VAL A 14 0.99 37.08 19.81
N THR A 15 2.18 37.37 19.29
CA THR A 15 2.38 38.32 18.21
C THR A 15 3.21 37.62 17.16
N PHE A 16 2.79 37.73 15.91
CA PHE A 16 3.44 36.95 14.89
C PHE A 16 4.55 37.76 14.23
N LYS A 17 5.53 37.06 13.69
CA LYS A 17 6.57 37.73 12.92
C LYS A 17 5.96 38.28 11.63
N PRO A 18 6.60 39.28 11.05
CA PRO A 18 6.13 39.76 9.75
C PRO A 18 6.54 38.85 8.60
N ARG A 19 7.51 37.97 8.79
CA ARG A 19 7.97 37.12 7.70
C ARG A 19 8.50 35.84 8.31
N TYR A 20 8.22 34.69 7.67
CA TYR A 20 8.68 33.38 8.12
C TYR A 20 9.49 32.72 7.00
N GLY A 21 10.46 31.90 7.39
CA GLY A 21 11.24 31.13 6.44
C GLY A 21 10.78 29.68 6.34
N ASN A 22 11.44 28.94 5.44
CA ASN A 22 11.39 27.48 5.48
C ASN A 22 12.22 26.98 6.66
N TYR A 23 11.87 25.79 7.15
CA TYR A 23 12.66 25.15 8.20
C TYR A 23 13.43 24.00 7.58
N ILE A 24 14.74 24.16 7.46
CA ILE A 24 15.59 23.18 6.77
C ILE A 24 16.88 23.01 7.55
N GLY A 25 17.23 21.75 7.85
CA GLY A 25 18.50 21.48 8.51
C GLY A 25 18.64 22.18 9.82
N GLY A 26 17.56 22.25 10.60
CA GLY A 26 17.66 22.82 11.93
C GLY A 26 17.53 24.33 12.02
N GLU A 27 17.21 25.02 10.92
CA GLU A 27 17.09 26.47 11.02
C GLU A 27 16.07 27.00 10.02
N PHE A 28 15.58 28.20 10.31
CA PHE A 28 14.74 28.89 9.34
C PHE A 28 15.62 29.54 8.28
N VAL A 29 15.25 29.34 7.02
CA VAL A 29 16.01 29.92 5.92
C VAL A 29 15.05 30.50 4.91
N PRO A 30 15.51 31.49 4.14
CA PRO A 30 14.66 32.08 3.12
C PRO A 30 14.58 31.17 1.92
N PRO A 31 13.60 31.40 1.04
CA PRO A 31 13.55 30.62 -0.22
C PRO A 31 14.71 30.96 -1.14
N VAL A 32 15.13 29.93 -1.90
CA VAL A 32 16.30 30.06 -2.76
C VAL A 32 16.14 31.21 -3.75
N LYS A 33 14.94 31.36 -4.34
CA LYS A 33 14.72 32.43 -5.32
C LYS A 33 14.06 33.64 -4.70
N GLY A 34 13.99 33.73 -3.37
CA GLY A 34 13.60 34.96 -2.70
C GLY A 34 12.15 35.39 -2.85
N GLN A 35 11.28 34.55 -3.41
CA GLN A 35 9.86 34.88 -3.55
C GLN A 35 9.07 34.46 -2.32
N TYR A 36 8.11 35.32 -1.93
CA TYR A 36 7.20 35.12 -0.81
C TYR A 36 5.76 35.30 -1.28
N PHE A 37 4.83 34.79 -0.47
CA PHE A 37 3.41 35.07 -0.62
C PHE A 37 2.86 35.57 0.72
N THR A 38 1.67 36.14 0.69
CA THR A 38 1.05 36.71 1.87
C THR A 38 -0.08 35.80 2.33
N ASN A 39 -0.01 35.40 3.59
CA ASN A 39 -1.05 34.60 4.22
C ASN A 39 -1.96 35.53 5.00
N THR A 40 -3.26 35.39 4.79
CA THR A 40 -4.26 36.24 5.45
C THR A 40 -5.06 35.43 6.47
N SER A 41 -5.59 36.11 7.46
CA SER A 41 -6.46 35.45 8.41
C SER A 41 -7.89 35.38 7.86
N PRO A 42 -8.53 34.22 7.89
CA PRO A 42 -9.95 34.15 7.49
C PRO A 42 -10.87 34.72 8.52
N VAL A 43 -10.37 35.05 9.71
CA VAL A 43 -11.22 35.65 10.73
C VAL A 43 -11.71 37.01 10.27
N ASN A 44 -10.83 37.80 9.66
CA ASN A 44 -11.13 39.18 9.29
C ASN A 44 -10.59 39.54 7.92
N GLY A 45 -10.10 38.57 7.15
CA GLY A 45 -9.54 38.85 5.84
C GLY A 45 -8.23 39.60 5.82
N GLN A 46 -7.70 40.02 6.98
N GLN A 46 -7.70 40.03 6.99
CA GLN A 46 -6.52 40.86 7.00
CA GLN A 46 -6.50 40.87 7.01
C GLN A 46 -5.22 40.03 6.94
C GLN A 46 -5.24 40.02 6.89
N PRO A 47 -4.15 40.59 6.36
CA PRO A 47 -2.90 39.83 6.24
C PRO A 47 -2.27 39.52 7.59
N ILE A 48 -1.52 38.42 7.64
CA ILE A 48 -0.82 37.97 8.84
C ILE A 48 0.69 38.16 8.70
N ALA A 49 1.29 37.58 7.65
CA ALA A 49 2.73 37.57 7.48
C ALA A 49 3.04 37.00 6.10
N GLU A 50 4.31 37.06 5.74
CA GLU A 50 4.80 36.50 4.49
C GLU A 50 5.46 35.15 4.74
N PHE A 51 5.31 34.26 3.77
CA PHE A 51 5.86 32.93 3.86
C PHE A 51 6.50 32.59 2.52
N PRO A 52 7.51 31.72 2.52
CA PRO A 52 8.22 31.44 1.27
C PRO A 52 7.29 30.84 0.21
N ARG A 53 7.45 31.34 -1.01
CA ARG A 53 6.87 30.69 -2.17
C ARG A 53 7.93 29.81 -2.83
N SER A 54 8.19 28.69 -2.16
CA SER A 54 9.34 27.86 -2.51
C SER A 54 9.17 27.18 -3.86
N THR A 55 10.30 26.83 -4.45
CA THR A 55 10.38 26.14 -5.73
C THR A 55 11.11 24.82 -5.57
N ALA A 56 11.28 24.11 -6.69
CA ALA A 56 12.02 22.84 -6.67
C ALA A 56 13.36 22.98 -5.98
N GLU A 57 14.02 24.14 -6.14
CA GLU A 57 15.33 24.34 -5.51
C GLU A 57 15.25 24.22 -4.00
N ASP A 58 14.16 24.69 -3.40
CA ASP A 58 14.03 24.59 -1.95
C ASP A 58 13.74 23.15 -1.52
N ILE A 59 12.86 22.46 -2.25
CA ILE A 59 12.57 21.05 -1.96
C ILE A 59 13.87 20.24 -2.01
N ASP A 60 14.73 20.54 -2.99
CA ASP A 60 16.00 19.83 -3.11
C ASP A 60 16.98 20.23 -2.02
N LYS A 61 16.93 21.47 -1.57
CA LYS A 61 17.75 21.86 -0.43
C LYS A 61 17.27 21.15 0.84
N ALA A 62 15.95 20.94 0.96
CA ALA A 62 15.43 20.21 2.11
C ALA A 62 15.74 18.73 2.01
N LEU A 63 15.67 18.16 0.79
CA LEU A 63 16.04 16.76 0.64
C LEU A 63 17.53 16.52 0.92
N ASP A 64 18.39 17.51 0.63
CA ASP A 64 19.81 17.36 0.95
C ASP A 64 19.99 17.21 2.45
N ALA A 65 19.31 18.06 3.22
CA ALA A 65 19.44 18.00 4.67
C ALA A 65 18.85 16.70 5.22
N ALA A 66 17.65 16.31 4.75
CA ALA A 66 17.05 15.04 5.17
C ALA A 66 17.96 13.86 4.87
N HIS A 67 18.57 13.82 3.68
CA HIS A 67 19.41 12.68 3.32
C HIS A 67 20.71 12.65 4.11
N ALA A 68 21.23 13.81 4.50
CA ALA A 68 22.43 13.83 5.32
C ALA A 68 22.14 13.37 6.74
N ALA A 69 20.90 13.53 7.20
CA ALA A 69 20.51 13.17 8.56
C ALA A 69 19.99 11.74 8.69
N ALA A 70 19.59 11.10 7.57
CA ALA A 70 18.77 9.90 7.64
C ALA A 70 19.49 8.72 8.29
N GLU A 71 20.77 8.53 8.01
CA GLU A 71 21.43 7.33 8.51
C GLU A 71 21.52 7.32 10.03
N ALA A 72 22.04 8.40 10.61
CA ALA A 72 22.17 8.48 12.05
C ALA A 72 20.80 8.50 12.73
N TRP A 73 19.81 9.16 12.13
CA TRP A 73 18.48 9.20 12.74
C TRP A 73 17.82 7.82 12.71
N GLY A 74 17.92 7.13 11.58
CA GLY A 74 17.38 5.78 11.48
C GLY A 74 18.01 4.81 12.46
N ARG A 75 19.23 5.11 12.93
CA ARG A 75 19.97 4.27 13.85
C ARG A 75 19.89 4.75 15.30
N THR A 76 19.24 5.88 15.53
CA THR A 76 18.90 6.31 16.87
C THR A 76 17.98 5.27 17.53
N SER A 77 18.24 4.98 18.80
CA SER A 77 17.53 3.89 19.49
C SER A 77 16.03 4.20 19.59
N VAL A 78 15.24 3.13 19.62
CA VAL A 78 13.79 3.25 19.74
C VAL A 78 13.44 4.05 20.99
N GLN A 79 14.12 3.76 22.11
CA GLN A 79 13.90 4.52 23.34
C GLN A 79 14.17 6.00 23.12
N GLU A 80 15.26 6.33 22.45
CA GLU A 80 15.56 7.75 22.30
C GLU A 80 14.57 8.45 21.38
N ARG A 81 14.23 7.84 20.23
CA ARG A 81 13.24 8.47 19.37
C ARG A 81 11.91 8.63 20.09
N SER A 82 11.51 7.58 20.83
CA SER A 82 10.29 7.65 21.61
C SER A 82 10.34 8.80 22.59
N ASN A 83 11.48 8.96 23.27
CA ASN A 83 11.57 9.98 24.30
C ASN A 83 11.48 11.37 23.69
N ILE A 84 12.04 11.57 22.50
CA ILE A 84 11.92 12.86 21.83
C ILE A 84 10.47 13.16 21.50
N LEU A 85 9.72 12.16 20.98
CA LEU A 85 8.30 12.38 20.71
C LEU A 85 7.54 12.74 21.98
N LEU A 86 7.91 12.14 23.13
CA LEU A 86 7.24 12.49 24.37
C LEU A 86 7.49 13.96 24.75
N LYS A 87 8.71 14.47 24.46
CA LYS A 87 9.01 15.87 24.73
C LYS A 87 8.27 16.80 23.78
N ILE A 88 8.08 16.39 22.52
CA ILE A 88 7.29 17.20 21.60
C ILE A 88 5.86 17.33 22.13
N ALA A 89 5.27 16.23 22.62
CA ALA A 89 3.93 16.31 23.19
C ALA A 89 3.88 17.27 24.37
N ASP A 90 4.91 17.24 25.22
CA ASP A 90 4.96 18.14 26.37
C ASP A 90 4.97 19.59 25.93
N ARG A 91 5.79 19.92 24.94
CA ARG A 91 5.89 21.31 24.47
C ARG A 91 4.59 21.77 23.85
N ILE A 92 3.89 20.88 23.14
CA ILE A 92 2.58 21.24 22.59
C ILE A 92 1.62 21.58 23.71
N GLU A 93 1.60 20.75 24.75
CA GLU A 93 0.66 20.96 25.84
C GLU A 93 1.00 22.19 26.68
N GLN A 94 2.29 22.44 26.92
CA GLN A 94 2.69 23.63 27.65
C GLN A 94 2.35 24.92 26.92
N ASN A 95 2.10 24.85 25.62
CA ASN A 95 1.80 26.02 24.82
C ASN A 95 0.40 25.93 24.21
N LEU A 96 -0.52 25.28 24.92
CA LEU A 96 -1.82 24.92 24.37
C LEU A 96 -2.58 26.15 23.86
N GLU A 97 -2.67 27.18 24.68
CA GLU A 97 -3.43 28.37 24.29
C GLU A 97 -2.76 29.09 23.13
N LEU A 98 -1.44 29.28 23.21
CA LEU A 98 -0.73 29.93 22.12
C LEU A 98 -0.96 29.21 20.79
N LEU A 99 -0.90 27.88 20.80
CA LEU A 99 -1.06 27.18 19.54
C LEU A 99 -2.51 27.22 19.09
N ALA A 100 -3.45 27.18 20.03
CA ALA A 100 -4.86 27.16 19.68
C ALA A 100 -5.30 28.49 19.10
N VAL A 101 -4.79 29.60 19.65
CA VAL A 101 -5.13 30.90 19.09
C VAL A 101 -4.49 31.05 17.72
N THR A 102 -3.23 30.61 17.57
CA THR A 102 -2.57 30.66 16.28
C THR A 102 -3.37 29.90 15.24
N GLU A 103 -3.85 28.72 15.60
CA GLU A 103 -4.59 27.90 14.65
C GLU A 103 -5.91 28.55 14.27
N THR A 104 -6.65 29.06 15.25
CA THR A 104 -7.87 29.80 14.94
C THR A 104 -7.59 30.97 14.01
N TRP A 105 -6.54 31.74 14.31
CA TRP A 105 -6.25 32.92 13.51
C TRP A 105 -5.93 32.54 12.06
N ASP A 106 -5.19 31.45 11.87
CA ASP A 106 -4.67 31.13 10.55
C ASP A 106 -5.70 30.42 9.68
N ASN A 107 -6.60 29.66 10.31
CA ASN A 107 -7.53 28.76 9.65
C ASN A 107 -8.98 29.21 9.77
N GLY A 108 -9.36 29.88 10.86
CA GLY A 108 -10.67 30.43 11.03
C GLY A 108 -11.60 29.69 11.98
N LYS A 109 -11.29 28.44 12.34
CA LYS A 109 -12.24 27.68 13.15
C LYS A 109 -12.37 28.27 14.57
N ALA A 110 -13.51 27.97 15.19
CA ALA A 110 -13.80 28.42 16.55
C ALA A 110 -12.75 27.93 17.53
N VAL A 111 -12.28 28.84 18.39
CA VAL A 111 -11.20 28.51 19.30
C VAL A 111 -11.60 27.47 20.34
N ARG A 112 -12.89 27.26 20.59
CA ARG A 112 -13.22 26.17 21.49
C ARG A 112 -12.81 24.83 20.85
N GLU A 113 -12.74 24.78 19.53
CA GLU A 113 -12.34 23.54 18.86
C GLU A 113 -10.83 23.32 18.98
N THR A 114 -10.02 24.37 18.78
CA THR A 114 -8.58 24.20 18.88
C THR A 114 -8.16 23.95 20.33
N LEU A 115 -8.85 24.56 21.29
CA LEU A 115 -8.53 24.34 22.70
C LEU A 115 -8.88 22.94 23.15
N ASN A 116 -9.98 22.37 22.63
CA ASN A 116 -10.46 21.09 23.16
C ASN A 116 -10.18 19.90 22.26
N ALA A 117 -9.99 20.10 20.97
CA ALA A 117 -9.83 18.99 20.04
C ALA A 117 -8.45 19.04 19.39
N ASP A 118 -8.17 20.02 18.54
CA ASP A 118 -6.96 20.01 17.73
C ASP A 118 -5.69 19.86 18.58
N ILE A 119 -5.42 20.82 19.45
CA ILE A 119 -4.11 20.85 20.10
C ILE A 119 -3.97 19.65 21.05
N PRO A 120 -4.96 19.35 21.91
CA PRO A 120 -4.78 18.18 22.79
C PRO A 120 -4.65 16.89 22.04
N LEU A 121 -5.42 16.72 20.95
CA LEU A 121 -5.29 15.51 20.15
C LEU A 121 -3.93 15.45 19.47
N ALA A 122 -3.40 16.61 19.07
CA ALA A 122 -2.08 16.64 18.44
C ALA A 122 -0.99 16.19 19.43
N ALA A 123 -1.05 16.72 20.65
CA ALA A 123 -0.09 16.27 21.65
C ALA A 123 -0.26 14.78 21.93
N ASP A 124 -1.51 14.31 22.04
CA ASP A 124 -1.67 12.89 22.35
C ASP A 124 -1.17 12.00 21.21
N HIS A 125 -1.24 12.51 19.98
CA HIS A 125 -0.76 11.71 18.86
C HIS A 125 0.72 11.42 18.96
N PHE A 126 1.47 12.37 19.52
CA PHE A 126 2.90 12.15 19.74
C PHE A 126 3.13 11.16 20.88
N ARG A 127 2.38 11.26 21.97
CA ARG A 127 2.53 10.26 23.04
C ARG A 127 2.15 8.87 22.53
N TYR A 128 1.14 8.80 21.67
CA TYR A 128 0.65 7.50 21.23
C TYR A 128 1.69 6.80 20.36
N PHE A 129 2.24 7.51 19.38
CA PHE A 129 3.25 6.90 18.55
C PHE A 129 4.58 6.75 19.28
N ALA A 130 4.89 7.62 20.24
CA ALA A 130 6.04 7.34 21.10
C ALA A 130 5.86 6.02 21.83
N GLY A 131 4.62 5.66 22.15
CA GLY A 131 4.40 4.45 22.89
C GLY A 131 4.40 3.25 21.99
N CYS A 132 3.77 3.42 20.81
CA CYS A 132 3.67 2.28 19.90
C CYS A 132 5.04 1.86 19.37
N ILE A 133 5.98 2.79 19.23
CA ILE A 133 7.31 2.38 18.78
C ILE A 133 8.03 1.61 19.89
N ARG A 134 7.74 1.91 21.17
CA ARG A 134 8.31 1.10 22.24
C ARG A 134 7.82 -0.34 22.16
N ALA A 135 6.58 -0.53 21.74
CA ALA A 135 5.97 -1.84 21.73
C ALA A 135 6.23 -2.63 20.45
N GLN A 136 6.65 -1.96 19.38
CA GLN A 136 6.77 -2.65 18.10
C GLN A 136 7.82 -3.75 18.13
N GLU A 137 7.48 -4.90 17.53
CA GLU A 137 8.38 -6.02 17.30
C GLU A 137 8.28 -6.47 15.85
N GLY A 138 9.41 -6.85 15.26
CA GLY A 138 9.43 -7.70 14.10
C GLY A 138 9.25 -9.13 14.55
N SER A 139 9.67 -10.06 13.70
CA SER A 139 9.39 -11.46 14.00
C SER A 139 10.62 -12.33 13.78
N ALA A 140 10.56 -13.51 14.42
CA ALA A 140 11.52 -14.57 14.27
C ALA A 140 10.74 -15.87 14.29
N ALA A 141 10.90 -16.69 13.26
CA ALA A 141 10.18 -17.95 13.16
C ALA A 141 11.11 -18.99 12.58
N GLU A 142 11.09 -20.18 13.16
CA GLU A 142 11.93 -21.30 12.74
C GLU A 142 11.22 -22.03 11.59
N ILE A 143 11.78 -21.96 10.39
CA ILE A 143 11.14 -22.61 9.26
C ILE A 143 11.41 -24.11 9.30
N ASN A 144 12.64 -24.48 9.61
CA ASN A 144 12.96 -25.84 10.00
C ASN A 144 14.14 -25.76 10.93
N ASP A 145 14.66 -26.94 11.30
CA ASP A 145 15.68 -27.01 12.32
C ASP A 145 16.91 -26.13 12.02
N SER A 146 17.20 -25.86 10.74
CA SER A 146 18.39 -25.08 10.42
C SER A 146 18.08 -23.85 9.58
N THR A 147 16.82 -23.41 9.55
CA THR A 147 16.44 -22.23 8.76
C THR A 147 15.53 -21.33 9.58
N VAL A 148 15.94 -20.09 9.78
CA VAL A 148 15.13 -19.18 10.56
C VAL A 148 14.85 -17.94 9.73
N ALA A 149 13.61 -17.52 9.69
CA ALA A 149 13.21 -16.26 9.07
C ALA A 149 13.11 -15.18 10.14
N TYR A 150 13.89 -14.12 9.98
CA TYR A 150 13.79 -12.91 10.77
C TYR A 150 13.20 -11.80 9.90
N HIS A 151 12.28 -11.04 10.46
CA HIS A 151 11.73 -9.86 9.79
C HIS A 151 12.02 -8.67 10.69
N ILE A 152 12.77 -7.71 10.17
CA ILE A 152 13.18 -6.53 10.92
C ILE A 152 12.59 -5.29 10.28
N HIS A 153 11.89 -4.48 11.08
CA HIS A 153 11.39 -3.20 10.60
C HIS A 153 12.56 -2.25 10.40
N GLU A 154 12.59 -1.58 9.26
CA GLU A 154 13.63 -0.62 8.91
C GLU A 154 12.98 0.68 8.49
N PRO A 155 13.63 1.82 8.76
CA PRO A 155 13.08 3.08 8.24
C PRO A 155 13.06 3.06 6.73
N LEU A 156 12.06 3.73 6.15
CA LEU A 156 12.13 3.93 4.71
C LEU A 156 13.27 4.89 4.37
N GLY A 157 13.60 5.80 5.28
CA GLY A 157 14.63 6.78 5.04
C GLY A 157 14.11 8.21 5.01
N VAL A 158 13.97 8.77 3.83
CA VAL A 158 13.46 10.13 3.63
C VAL A 158 12.08 9.99 3.01
N VAL A 159 11.09 10.65 3.61
CA VAL A 159 9.72 10.53 3.12
C VAL A 159 9.16 11.93 2.90
N GLY A 160 8.22 12.05 1.98
CA GLY A 160 7.55 13.32 1.69
C GLY A 160 6.13 13.29 2.19
N GLN A 161 5.67 14.42 2.70
CA GLN A 161 4.33 14.50 3.29
C GLN A 161 3.70 15.83 2.90
N ILE A 162 2.47 15.77 2.38
CA ILE A 162 1.73 16.95 1.95
C ILE A 162 0.40 16.95 2.70
N ILE A 163 0.11 18.04 3.41
CA ILE A 163 -1.04 18.09 4.30
C ILE A 163 -1.95 19.24 3.90
N PRO A 164 -3.23 19.18 4.28
CA PRO A 164 -4.18 20.24 3.91
C PRO A 164 -4.36 21.27 5.01
N TRP A 165 -5.38 22.13 4.89
CA TRP A 165 -5.53 23.31 5.74
C TRP A 165 -6.65 23.21 6.76
N ASN A 166 -7.44 22.12 6.77
CA ASN A 166 -8.60 22.12 7.65
C ASN A 166 -8.24 21.80 9.10
N PHE A 167 -7.17 21.04 9.35
CA PHE A 167 -6.63 20.85 10.70
C PHE A 167 -5.14 20.97 10.61
N PRO A 168 -4.63 22.20 10.49
CA PRO A 168 -3.20 22.36 10.13
C PRO A 168 -2.25 21.65 11.10
N LEU A 169 -2.42 21.83 12.41
CA LEU A 169 -1.50 21.22 13.37
C LEU A 169 -1.84 19.76 13.63
N LEU A 170 -3.13 19.42 13.68
CA LEU A 170 -3.50 18.02 13.90
C LEU A 170 -3.06 17.14 12.73
N MET A 171 -3.31 17.59 11.50
CA MET A 171 -2.82 16.90 10.31
C MET A 171 -1.31 16.74 10.37
N ALA A 172 -0.60 17.77 10.82
CA ALA A 172 0.84 17.66 10.94
C ALA A 172 1.21 16.56 11.95
N ALA A 173 0.53 16.54 13.10
CA ALA A 173 0.79 15.47 14.08
C ALA A 173 0.48 14.09 13.53
N TRP A 174 -0.64 13.96 12.78
CA TRP A 174 -1.05 12.67 12.21
C TRP A 174 0.02 12.12 11.30
N LYS A 175 0.74 13.01 10.60
CA LYS A 175 1.74 12.61 9.63
C LYS A 175 3.12 12.47 10.28
N LEU A 176 3.49 13.43 11.14
CA LEU A 176 4.86 13.48 11.65
C LEU A 176 5.11 12.45 12.74
N ALA A 177 4.16 12.28 13.65
CA ALA A 177 4.40 11.38 14.78
C ALA A 177 4.73 9.98 14.32
N PRO A 178 3.95 9.34 13.44
CA PRO A 178 4.36 7.99 12.99
C PRO A 178 5.63 7.99 12.14
N ALA A 179 5.79 8.96 11.23
CA ALA A 179 6.96 8.98 10.36
C ALA A 179 8.23 9.13 11.16
N LEU A 180 8.23 10.03 12.15
CA LEU A 180 9.40 10.22 12.99
C LEU A 180 9.60 9.06 13.95
N ALA A 181 8.52 8.52 14.54
CA ALA A 181 8.66 7.36 15.44
C ALA A 181 9.34 6.21 14.73
N ALA A 182 9.01 6.02 13.45
CA ALA A 182 9.60 4.95 12.65
C ALA A 182 11.03 5.26 12.22
N GLY A 183 11.58 6.41 12.58
CA GLY A 183 12.97 6.70 12.27
C GLY A 183 13.22 7.29 10.90
N ASN A 184 12.22 7.90 10.27
CA ASN A 184 12.39 8.55 8.98
C ASN A 184 12.69 10.04 9.16
N CYS A 185 13.36 10.62 8.17
CA CYS A 185 13.43 12.06 8.01
C CYS A 185 12.27 12.51 7.14
N VAL A 186 11.78 13.72 7.40
CA VAL A 186 10.57 14.20 6.73
C VAL A 186 10.85 15.52 6.01
N VAL A 187 10.34 15.63 4.80
CA VAL A 187 10.12 16.91 4.13
C VAL A 187 8.61 17.12 4.07
N LEU A 188 8.13 18.09 4.84
CA LEU A 188 6.70 18.35 4.96
C LEU A 188 6.36 19.62 4.20
N LYS A 189 5.30 19.54 3.37
CA LYS A 189 4.81 20.70 2.60
C LYS A 189 3.42 21.09 3.12
N PRO A 190 3.31 22.07 4.01
CA PRO A 190 1.98 22.45 4.52
C PRO A 190 1.16 23.18 3.46
N ALA A 191 -0.15 23.20 3.69
CA ALA A 191 -1.06 23.91 2.80
C ALA A 191 -0.75 25.40 2.81
N GLU A 192 -0.77 26.02 1.62
CA GLU A 192 -0.40 27.43 1.55
C GLU A 192 -1.41 28.32 2.25
N GLN A 193 -2.63 27.83 2.46
CA GLN A 193 -3.63 28.61 3.20
C GLN A 193 -3.31 28.72 4.67
N THR A 194 -2.53 27.79 5.22
CA THR A 194 -2.29 27.70 6.67
C THR A 194 -0.83 27.36 6.90
N PRO A 195 0.08 28.29 6.61
CA PRO A 195 1.50 28.02 6.87
C PRO A 195 1.95 28.41 8.27
N LEU A 196 1.12 29.12 9.04
CA LEU A 196 1.63 29.77 10.23
C LEU A 196 1.81 28.79 11.39
N GLY A 197 0.80 27.98 11.67
CA GLY A 197 0.86 27.14 12.86
C GLY A 197 2.08 26.23 12.90
N ILE A 198 2.43 25.61 11.78
CA ILE A 198 3.56 24.69 11.79
C ILE A 198 4.86 25.46 12.02
N CYS A 199 4.90 26.73 11.61
CA CYS A 199 6.07 27.57 11.90
C CYS A 199 6.20 27.87 13.38
N VAL A 200 5.09 28.26 14.03
CA VAL A 200 5.14 28.50 15.47
C VAL A 200 5.55 27.23 16.21
N LEU A 201 4.98 26.10 15.82
CA LEU A 201 5.33 24.83 16.46
C LEU A 201 6.81 24.52 16.28
N LEU A 202 7.36 24.72 15.06
CA LEU A 202 8.78 24.44 14.86
C LEU A 202 9.64 25.34 15.72
N GLU A 203 9.19 26.57 15.96
CA GLU A 203 9.92 27.44 16.89
C GLU A 203 9.90 26.85 18.29
N LEU A 204 8.85 26.11 18.62
CA LEU A 204 8.73 25.57 19.96
C LEU A 204 9.47 24.25 20.14
N ILE A 205 9.61 23.44 19.09
CA ILE A 205 10.11 22.07 19.23
C ILE A 205 11.38 21.80 18.44
N GLY A 206 11.80 22.71 17.55
CA GLY A 206 12.87 22.42 16.61
C GLY A 206 14.15 21.90 17.24
N ASP A 207 14.48 22.40 18.45
CA ASP A 207 15.71 21.97 19.10
C ASP A 207 15.66 20.54 19.61
N LEU A 208 14.51 19.88 19.62
CA LEU A 208 14.45 18.51 20.12
C LEU A 208 14.94 17.51 19.11
N LEU A 209 15.01 17.89 17.82
CA LEU A 209 15.30 16.96 16.76
C LEU A 209 16.64 17.28 16.11
N PRO A 210 17.39 16.27 15.68
CA PRO A 210 18.65 16.54 14.98
C PRO A 210 18.40 17.30 13.72
N PRO A 211 19.33 18.20 13.33
CA PRO A 211 19.17 18.96 12.07
C PRO A 211 18.95 18.06 10.87
N GLY A 212 17.96 18.42 10.06
CA GLY A 212 17.66 17.67 8.86
C GLY A 212 16.64 16.56 9.02
N VAL A 213 16.26 16.23 10.26
CA VAL A 213 15.26 15.17 10.46
C VAL A 213 13.85 15.66 10.11
N LEU A 214 13.54 16.92 10.47
CA LEU A 214 12.24 17.53 10.19
C LEU A 214 12.46 18.79 9.36
N ASN A 215 11.99 18.77 8.11
CA ASN A 215 12.13 19.89 7.20
C ASN A 215 10.75 20.32 6.73
N VAL A 216 10.47 21.62 6.78
CA VAL A 216 9.17 22.17 6.43
C VAL A 216 9.37 23.21 5.34
N VAL A 217 8.81 22.96 4.17
CA VAL A 217 8.97 23.84 3.01
C VAL A 217 7.60 24.38 2.63
N GLN A 218 7.44 25.70 2.74
CA GLN A 218 6.18 26.37 2.41
C GLN A 218 6.07 26.62 0.92
N GLY A 219 4.84 26.69 0.42
CA GLY A 219 4.66 27.05 -0.98
C GLY A 219 3.39 26.48 -1.55
N PHE A 220 3.20 26.76 -2.84
CA PHE A 220 1.96 26.43 -3.54
C PHE A 220 1.97 24.96 -3.97
N GLY A 221 0.77 24.40 -4.07
CA GLY A 221 0.64 23.01 -4.49
C GLY A 221 1.34 22.71 -5.81
N ARG A 222 1.02 23.51 -6.84
N ARG A 222 1.03 23.49 -6.84
CA ARG A 222 1.58 23.30 -8.18
CA ARG A 222 1.58 23.19 -8.15
C ARG A 222 3.09 23.47 -8.23
C ARG A 222 3.04 23.61 -8.30
N GLU A 223 3.67 24.16 -7.25
CA GLU A 223 5.10 24.46 -7.31
C GLU A 223 5.87 23.64 -6.27
N ALA A 224 5.86 24.07 -5.01
CA ALA A 224 6.56 23.32 -3.98
C ALA A 224 5.99 21.90 -3.82
N GLY A 225 4.66 21.77 -3.76
CA GLY A 225 4.07 20.45 -3.61
C GLY A 225 4.41 19.50 -4.75
N GLU A 226 4.32 19.99 -5.99
CA GLU A 226 4.59 19.14 -7.15
C GLU A 226 6.07 18.72 -7.21
N ALA A 227 6.99 19.62 -6.86
CA ALA A 227 8.40 19.21 -6.83
C ALA A 227 8.61 18.08 -5.81
N LEU A 228 7.92 18.16 -4.68
CA LEU A 228 8.06 17.11 -3.69
C LEU A 228 7.42 15.81 -4.16
N ALA A 229 6.19 15.89 -4.71
CA ALA A 229 5.48 14.68 -5.09
C ALA A 229 6.16 13.94 -6.24
N THR A 230 6.84 14.67 -7.13
CA THR A 230 7.55 14.03 -8.24
C THR A 230 9.00 13.72 -7.91
N SER A 231 9.47 14.06 -6.71
CA SER A 231 10.88 13.92 -6.42
C SER A 231 11.32 12.46 -6.49
N LYS A 232 12.48 12.26 -7.08
CA LYS A 232 13.09 10.95 -7.15
C LYS A 232 13.93 10.62 -5.93
N ARG A 233 13.95 11.50 -4.94
CA ARG A 233 14.78 11.33 -3.75
C ARG A 233 13.94 11.12 -2.48
N ILE A 234 12.71 10.65 -2.64
CA ILE A 234 11.91 10.25 -1.49
C ILE A 234 11.55 8.79 -1.65
N ALA A 235 11.40 8.12 -0.50
CA ALA A 235 11.12 6.71 -0.46
C ALA A 235 9.64 6.39 -0.37
N LYS A 236 8.80 7.40 -0.09
CA LYS A 236 7.39 7.25 0.21
C LYS A 236 6.75 8.62 0.16
N ILE A 237 5.50 8.68 -0.27
CA ILE A 237 4.76 9.93 -0.32
C ILE A 237 3.45 9.75 0.43
N ALA A 238 3.10 10.73 1.26
CA ALA A 238 1.83 10.76 1.96
C ALA A 238 1.09 12.06 1.65
N PHE A 239 -0.23 11.97 1.55
CA PHE A 239 -1.03 13.12 1.12
C PHE A 239 -2.43 13.02 1.72
N THR A 240 -2.96 14.17 2.15
CA THR A 240 -4.38 14.32 2.47
C THR A 240 -4.91 15.55 1.75
N GLY A 241 -6.04 15.40 1.07
CA GLY A 241 -6.57 16.56 0.35
C GLY A 241 -7.60 16.11 -0.67
N SER A 242 -7.63 16.83 -1.79
CA SER A 242 -8.69 16.61 -2.77
C SER A 242 -8.43 15.35 -3.59
N THR A 243 -9.53 14.81 -4.11
CA THR A 243 -9.47 13.62 -4.94
C THR A 243 -8.63 13.81 -6.20
N PRO A 244 -8.81 14.86 -7.02
CA PRO A 244 -7.98 14.97 -8.23
C PRO A 244 -6.51 15.09 -7.90
N VAL A 245 -6.14 15.87 -6.87
CA VAL A 245 -4.72 15.97 -6.52
C VAL A 245 -4.21 14.64 -5.96
N GLY A 246 -5.03 13.93 -5.17
CA GLY A 246 -4.60 12.64 -4.65
C GLY A 246 -4.32 11.62 -5.74
N SER A 247 -5.23 11.52 -6.70
CA SER A 247 -4.99 10.65 -7.84
C SER A 247 -3.69 11.01 -8.54
N HIS A 248 -3.43 12.31 -8.71
CA HIS A 248 -2.17 12.77 -9.28
C HIS A 248 -0.98 12.33 -8.42
N ILE A 249 -1.08 12.47 -7.10
CA ILE A 249 -0.05 11.99 -6.18
C ILE A 249 0.24 10.51 -6.42
N LEU A 250 -0.82 9.70 -6.52
CA LEU A 250 -0.63 8.28 -6.75
C LEU A 250 0.05 8.03 -8.09
N LYS A 251 -0.26 8.84 -9.10
CA LYS A 251 0.39 8.70 -10.40
C LYS A 251 1.88 9.06 -10.30
N CYS A 252 2.21 10.10 -9.53
CA CYS A 252 3.61 10.43 -9.31
C CYS A 252 4.34 9.29 -8.61
N ALA A 253 3.69 8.66 -7.62
CA ALA A 253 4.30 7.53 -6.92
C ALA A 253 4.44 6.33 -7.85
N ALA A 254 3.43 6.08 -8.69
CA ALA A 254 3.51 5.02 -9.68
C ALA A 254 4.73 5.17 -10.58
N GLU A 255 5.01 6.40 -11.03
CA GLU A 255 6.14 6.62 -11.94
C GLU A 255 7.46 6.25 -11.28
N ASN A 256 7.62 6.55 -9.98
CA ASN A 256 8.88 6.31 -9.29
C ASN A 256 8.88 4.98 -8.54
N ILE A 257 7.77 4.23 -8.58
CA ILE A 257 7.64 2.96 -7.87
C ILE A 257 7.94 3.12 -6.38
N ILE A 258 7.27 4.07 -5.73
CA ILE A 258 7.39 4.22 -4.29
C ILE A 258 6.02 4.00 -3.67
N PRO A 259 5.95 3.49 -2.44
CA PRO A 259 4.66 3.36 -1.75
C PRO A 259 4.01 4.71 -1.49
N SER A 260 2.68 4.69 -1.38
CA SER A 260 1.92 5.91 -1.21
C SER A 260 0.71 5.63 -0.33
N THR A 261 0.31 6.63 0.43
CA THR A 261 -0.97 6.62 1.13
C THR A 261 -1.63 7.96 0.90
N VAL A 262 -2.95 7.95 0.73
CA VAL A 262 -3.71 9.16 0.46
C VAL A 262 -5.04 9.07 1.18
N GLU A 263 -5.52 10.19 1.66
CA GLU A 263 -6.86 10.30 2.21
C GLU A 263 -7.55 11.45 1.48
N LEU A 264 -8.70 11.15 0.86
CA LEU A 264 -9.25 11.99 -0.21
C LEU A 264 -10.65 12.52 0.07
N GLY A 265 -11.09 12.59 1.31
CA GLY A 265 -12.42 13.13 1.56
C GLY A 265 -13.53 12.09 1.48
N GLY A 266 -14.74 12.58 1.68
CA GLY A 266 -15.88 11.68 1.68
C GLY A 266 -17.22 12.39 1.51
N LYS A 267 -18.28 11.58 1.58
CA LYS A 267 -19.64 12.04 1.58
C LYS A 267 -20.40 11.15 2.58
N SER A 268 -20.04 11.31 3.84
CA SER A 268 -20.36 10.33 4.88
C SER A 268 -21.84 10.39 5.29
N PRO A 269 -22.53 9.26 5.36
CA PRO A 269 -23.91 9.27 5.85
C PRO A 269 -24.00 9.03 7.35
N ASN A 270 -24.90 9.79 7.98
CA ASN A 270 -25.30 9.70 9.39
C ASN A 270 -26.69 9.07 9.38
N ILE A 271 -26.82 7.83 9.86
CA ILE A 271 -28.02 7.01 9.65
C ILE A 271 -28.76 6.86 10.97
N TYR A 272 -30.03 7.25 10.99
CA TYR A 272 -30.81 7.28 12.23
C TYR A 272 -32.01 6.35 12.11
N PHE A 273 -32.00 5.25 12.87
CA PHE A 273 -33.08 4.28 12.84
C PHE A 273 -34.16 4.63 13.85
N GLU A 274 -35.37 4.11 13.60
CA GLU A 274 -36.54 4.58 14.35
C GLU A 274 -36.46 4.25 15.84
N ASP A 275 -35.78 3.16 16.22
CA ASP A 275 -35.81 2.79 17.63
C ASP A 275 -35.12 3.81 18.53
N ILE A 276 -34.32 4.75 17.98
CA ILE A 276 -33.69 5.70 18.89
C ILE A 276 -34.73 6.58 19.59
N MET A 277 -35.90 6.79 18.97
CA MET A 277 -36.93 7.60 19.62
C MET A 277 -37.63 6.89 20.77
N GLN A 278 -37.38 5.59 20.97
CA GLN A 278 -37.82 4.89 22.17
C GLN A 278 -36.75 4.81 23.25
N ALA A 279 -35.58 5.42 23.06
CA ALA A 279 -34.52 5.31 24.04
C ALA A 279 -34.68 6.42 25.08
N GLU A 280 -33.65 6.64 25.88
CA GLU A 280 -33.66 7.68 26.88
C GLU A 280 -33.70 9.07 26.22
N PRO A 281 -34.28 10.06 26.92
CA PRO A 281 -34.25 11.43 26.37
C PRO A 281 -32.85 11.96 26.12
N ALA A 282 -31.90 11.68 27.03
CA ALA A 282 -30.51 12.07 26.78
C ALA A 282 -29.99 11.47 25.49
N PHE A 283 -30.33 10.21 25.20
CA PHE A 283 -29.82 9.58 23.99
C PHE A 283 -30.42 10.22 22.74
N ILE A 284 -31.70 10.61 22.79
CA ILE A 284 -32.30 11.29 21.66
C ILE A 284 -31.58 12.61 21.41
N GLU A 285 -31.30 13.33 22.50
CA GLU A 285 -30.53 14.56 22.37
C GLU A 285 -29.14 14.29 21.77
N LYS A 286 -28.46 13.25 22.24
CA LYS A 286 -27.14 12.92 21.72
C LYS A 286 -27.21 12.63 20.23
N ALA A 287 -28.23 11.91 19.79
CA ALA A 287 -28.38 11.62 18.37
C ALA A 287 -28.59 12.90 17.56
N ALA A 288 -29.37 13.84 18.11
CA ALA A 288 -29.60 15.11 17.41
C ALA A 288 -28.32 15.93 17.35
N GLU A 289 -27.56 15.97 18.45
CA GLU A 289 -26.25 16.61 18.42
C GLU A 289 -25.37 15.96 17.38
N GLY A 290 -25.50 14.64 17.21
CA GLY A 290 -24.68 13.95 16.24
C GLY A 290 -24.94 14.43 14.81
N LEU A 291 -26.16 14.86 14.52
CA LEU A 291 -26.44 15.39 13.19
C LEU A 291 -25.86 16.79 13.04
N VAL A 292 -26.12 17.67 14.02
CA VAL A 292 -25.61 19.03 14.02
C VAL A 292 -24.08 19.08 14.16
N LEU A 293 -23.44 18.01 14.63
CA LEU A 293 -21.98 17.95 14.60
C LEU A 293 -21.42 18.08 13.17
N ALA A 294 -22.26 17.93 12.15
CA ALA A 294 -21.83 18.25 10.79
C ALA A 294 -21.22 19.65 10.69
N PHE A 295 -21.62 20.59 11.55
CA PHE A 295 -21.08 21.95 11.48
C PHE A 295 -19.81 22.15 12.29
N PHE A 296 -19.32 21.11 12.95
CA PHE A 296 -17.99 21.16 13.56
C PHE A 296 -16.95 21.48 12.49
N ASN A 297 -16.00 22.35 12.85
CA ASN A 297 -14.97 22.80 11.91
C ASN A 297 -15.58 23.33 10.61
N GLN A 298 -16.75 23.96 10.72
CA GLN A 298 -17.43 24.58 9.57
C GLN A 298 -17.68 23.56 8.46
N GLY A 299 -17.88 22.29 8.82
CA GLY A 299 -18.01 21.27 7.81
C GLY A 299 -16.75 20.96 7.02
N GLU A 300 -15.60 21.53 7.38
CA GLU A 300 -14.36 21.28 6.64
C GLU A 300 -13.63 20.08 7.24
N VAL A 301 -14.29 18.94 7.12
CA VAL A 301 -13.85 17.69 7.73
C VAL A 301 -14.07 16.62 6.69
N SCY A 302 -13.04 15.83 6.44
CA SCY A 302 -13.13 14.77 5.46
CB SCY A 302 -11.80 14.02 5.39
SG SCY A 302 -11.22 13.44 6.99
CD SCY A 302 -10.42 14.76 7.75
OCD SCY A 302 -10.13 15.83 7.20
CE SCY A 302 -10.14 14.51 9.22
C SCY A 302 -14.35 13.78 5.76
O SCY A 302 -14.99 13.32 4.80
N THR A 303 -14.63 13.53 7.03
CA THR A 303 -15.74 12.69 7.44
C THR A 303 -16.92 13.50 7.99
N CYS A 304 -17.04 14.76 7.55
CA CYS A 304 -18.22 15.54 7.87
C CYS A 304 -19.48 14.75 7.52
N PRO A 305 -20.41 14.57 8.45
CA PRO A 305 -21.62 13.80 8.16
C PRO A 305 -22.59 14.64 7.32
N SER A 306 -22.30 14.70 6.02
CA SER A 306 -22.94 15.63 5.12
C SER A 306 -24.22 15.09 4.49
N ARG A 307 -24.51 13.80 4.70
CA ARG A 307 -25.80 13.22 4.36
C ARG A 307 -26.39 12.62 5.61
N ALA A 308 -27.56 13.09 6.01
CA ALA A 308 -28.31 12.50 7.11
C ALA A 308 -29.44 11.65 6.54
N LEU A 309 -29.47 10.38 6.94
CA LEU A 309 -30.48 9.43 6.49
C LEU A 309 -31.35 9.14 7.70
N VAL A 310 -32.58 9.64 7.68
CA VAL A 310 -33.49 9.55 8.82
C VAL A 310 -34.62 8.60 8.44
N GLN A 311 -34.85 7.59 9.28
CA GLN A 311 -35.97 6.70 9.02
C GLN A 311 -37.27 7.50 8.99
N GLU A 312 -38.08 7.26 7.95
CA GLU A 312 -39.18 8.18 7.69
C GLU A 312 -40.21 8.17 8.80
N SER A 313 -40.37 7.04 9.50
CA SER A 313 -41.34 6.96 10.59
C SER A 313 -41.01 7.89 11.74
N ILE A 314 -39.76 8.35 11.86
CA ILE A 314 -39.39 9.24 12.95
C ILE A 314 -38.92 10.59 12.45
N TYR A 315 -38.94 10.83 11.14
CA TYR A 315 -38.42 12.08 10.61
C TYR A 315 -39.04 13.33 11.25
N PRO A 316 -40.37 13.47 11.38
CA PRO A 316 -40.91 14.70 11.99
C PRO A 316 -40.47 14.91 13.43
N ALA A 317 -40.63 13.90 14.27
CA ALA A 317 -40.26 14.05 15.67
C ALA A 317 -38.77 14.30 15.83
N PHE A 318 -37.94 13.56 15.11
CA PHE A 318 -36.50 13.67 15.33
C PHE A 318 -35.96 15.00 14.78
N MET A 319 -36.48 15.43 13.63
CA MET A 319 -36.05 16.70 13.06
C MET A 319 -36.45 17.89 13.92
N GLU A 320 -37.49 17.75 14.74
CA GLU A 320 -37.78 18.79 15.70
C GLU A 320 -36.61 18.96 16.67
N GLU A 321 -36.06 17.86 17.16
CA GLU A 321 -34.91 17.95 18.07
C GLU A 321 -33.67 18.48 17.36
N VAL A 322 -33.50 18.08 16.10
CA VAL A 322 -32.34 18.55 15.32
C VAL A 322 -32.41 20.05 15.13
N LEU A 323 -33.56 20.56 14.70
CA LEU A 323 -33.69 21.98 14.37
C LEU A 323 -33.59 22.87 15.59
N LYS A 324 -34.02 22.40 16.77
CA LYS A 324 -33.74 23.13 18.00
C LYS A 324 -32.25 23.37 18.17
N LYS A 325 -31.41 22.38 17.82
CA LYS A 325 -29.98 22.56 18.03
C LYS A 325 -29.36 23.43 16.95
N VAL A 326 -29.77 23.24 15.68
CA VAL A 326 -29.28 24.12 14.62
C VAL A 326 -29.56 25.56 14.96
N ARG A 327 -30.78 25.84 15.44
CA ARG A 327 -31.15 27.23 15.66
C ARG A 327 -30.38 27.86 16.82
N ALA A 328 -29.86 27.06 17.74
CA ALA A 328 -29.20 27.63 18.91
C ALA A 328 -27.70 27.86 18.68
N ILE A 329 -27.21 27.69 17.46
CA ILE A 329 -25.77 27.76 17.20
C ILE A 329 -25.29 29.20 17.34
N LYS A 330 -24.35 29.43 18.25
CA LYS A 330 -23.89 30.79 18.47
C LYS A 330 -22.80 31.12 17.45
N ARG A 331 -22.98 32.25 16.75
CA ARG A 331 -21.99 32.77 15.82
C ARG A 331 -21.24 33.95 16.44
N GLY A 332 -20.14 34.34 15.83
CA GLY A 332 -19.38 35.45 16.35
C GLY A 332 -17.88 35.28 16.11
N ASP A 333 -17.14 36.01 16.94
CA ASP A 333 -15.68 36.08 16.92
C ASP A 333 -15.12 34.69 17.16
N PRO A 334 -14.35 34.12 16.22
CA PRO A 334 -13.80 32.76 16.47
C PRO A 334 -12.95 32.65 17.71
N LEU A 335 -12.33 33.75 18.17
CA LEU A 335 -11.54 33.77 19.41
C LEU A 335 -12.38 33.94 20.67
N ASP A 336 -13.69 33.88 20.55
CA ASP A 336 -14.59 33.82 21.69
C ASP A 336 -14.93 32.35 21.90
N THR A 337 -14.63 31.82 23.09
CA THR A 337 -14.89 30.40 23.36
C THR A 337 -16.38 30.04 23.24
N GLU A 338 -17.26 31.04 23.36
N GLU A 338 -17.27 31.02 23.36
CA GLU A 338 -18.70 30.84 23.22
CA GLU A 338 -18.70 30.73 23.22
C GLU A 338 -19.08 30.53 21.78
C GLU A 338 -19.09 30.52 21.77
N THR A 339 -18.29 31.00 20.82
CA THR A 339 -18.61 30.82 19.41
C THR A 339 -18.55 29.34 19.02
N MET A 340 -19.61 28.84 18.36
CA MET A 340 -19.68 27.43 18.02
C MET A 340 -19.39 27.11 16.57
N VAL A 341 -19.42 28.08 15.67
CA VAL A 341 -19.03 27.85 14.28
C VAL A 341 -18.21 29.05 13.83
N GLY A 342 -16.98 28.81 13.38
CA GLY A 342 -16.08 29.86 13.00
C GLY A 342 -16.16 30.22 11.53
N ALA A 343 -15.03 30.75 11.02
CA ALA A 343 -14.89 31.18 9.64
C ALA A 343 -14.44 30.02 8.77
N GLN A 344 -14.87 30.03 7.51
CA GLN A 344 -14.26 29.13 6.54
C GLN A 344 -12.80 29.52 6.33
N ALA A 345 -12.04 28.61 5.75
CA ALA A 345 -10.58 28.74 5.78
C ALA A 345 -10.04 29.72 4.75
N SER A 346 -10.76 29.95 3.66
CA SER A 346 -10.25 30.76 2.57
C SER A 346 -11.41 31.34 1.79
N GLN A 347 -11.10 32.39 1.03
CA GLN A 347 -12.10 32.95 0.13
C GLN A 347 -12.49 31.93 -0.93
N GLN A 348 -11.52 31.15 -1.43
CA GLN A 348 -11.82 30.13 -2.44
C GLN A 348 -12.80 29.09 -1.92
N GLN A 349 -12.60 28.61 -0.68
CA GLN A 349 -13.49 27.63 -0.10
C GLN A 349 -14.88 28.22 0.14
N TYR A 350 -14.89 29.45 0.68
CA TYR A 350 -16.09 30.28 0.75
C TYR A 350 -16.84 30.32 -0.58
N GLU A 351 -16.13 30.63 -1.67
CA GLU A 351 -16.80 30.70 -2.96
C GLU A 351 -17.31 29.34 -3.39
N LYS A 352 -16.55 28.28 -3.11
CA LYS A 352 -17.00 26.94 -3.44
C LYS A 352 -18.32 26.61 -2.76
N ILE A 353 -18.44 26.93 -1.48
CA ILE A 353 -19.65 26.56 -0.74
C ILE A 353 -20.85 27.33 -1.28
N LEU A 354 -20.67 28.62 -1.56
CA LEU A 354 -21.77 29.41 -2.09
C LEU A 354 -22.19 28.89 -3.46
N SER A 355 -21.25 28.43 -4.29
CA SER A 355 -21.66 27.79 -5.54
C SER A 355 -22.53 26.57 -5.31
N TYR A 356 -22.18 25.74 -4.32
CA TYR A 356 -22.97 24.54 -4.09
C TYR A 356 -24.34 24.88 -3.51
N LEU A 357 -24.44 25.94 -2.71
CA LEU A 357 -25.76 26.36 -2.25
C LEU A 357 -26.66 26.76 -3.42
N ASP A 358 -26.08 27.42 -4.45
CA ASP A 358 -26.85 27.75 -5.65
C ASP A 358 -27.22 26.49 -6.43
N ILE A 359 -26.27 25.56 -6.61
CA ILE A 359 -26.59 24.31 -7.28
C ILE A 359 -27.72 23.60 -6.53
N ALA A 360 -27.74 23.70 -5.21
CA ALA A 360 -28.75 23.00 -4.42
C ALA A 360 -30.14 23.56 -4.70
N GLN A 361 -30.26 24.89 -4.64
CA GLN A 361 -31.49 25.58 -5.02
C GLN A 361 -31.95 25.19 -6.42
N GLN A 362 -31.02 25.24 -7.38
CA GLN A 362 -31.39 24.97 -8.77
C GLN A 362 -31.87 23.54 -9.00
N GLU A 363 -31.37 22.56 -8.24
CA GLU A 363 -31.80 21.19 -8.47
C GLU A 363 -32.94 20.76 -7.56
N GLY A 364 -33.54 21.71 -6.84
CA GLY A 364 -34.75 21.42 -6.09
C GLY A 364 -34.56 21.04 -4.64
N ALA A 365 -33.36 21.19 -4.08
CA ALA A 365 -33.16 20.95 -2.66
C ALA A 365 -33.87 22.02 -1.83
N GLU A 366 -34.58 21.59 -0.80
CA GLU A 366 -35.38 22.48 0.02
C GLU A 366 -34.60 22.87 1.27
N LEU A 367 -34.52 24.17 1.52
CA LEU A 367 -33.83 24.72 2.69
C LEU A 367 -34.64 24.52 3.96
N LEU A 368 -34.06 23.84 4.95
CA LEU A 368 -34.68 23.78 6.27
C LEU A 368 -34.05 24.75 7.24
N ALA A 369 -32.89 25.31 6.93
CA ALA A 369 -32.16 26.24 7.78
C ALA A 369 -30.99 26.79 6.99
N GLY A 370 -30.61 28.02 7.32
CA GLY A 370 -29.45 28.66 6.68
C GLY A 370 -29.65 28.87 5.20
N GLY A 371 -28.56 28.73 4.45
CA GLY A 371 -28.56 28.86 3.00
C GLY A 371 -27.86 30.09 2.48
N SER A 372 -27.37 30.97 3.34
CA SER A 372 -26.79 32.22 2.88
C SER A 372 -25.51 32.50 3.65
N VAL A 373 -24.82 33.55 3.18
CA VAL A 373 -23.69 34.07 3.93
C VAL A 373 -24.14 34.47 5.34
N GLU A 374 -23.20 34.46 6.28
CA GLU A 374 -23.41 34.98 7.62
C GLU A 374 -22.69 36.31 7.74
N LYS A 375 -23.45 37.37 7.97
CA LYS A 375 -22.88 38.72 8.09
C LYS A 375 -22.62 39.03 9.57
N LEU A 376 -21.36 39.21 9.93
CA LEU A 376 -21.00 39.43 11.34
C LEU A 376 -20.49 40.85 11.57
N GLU A 377 -20.49 41.25 12.85
CA GLU A 377 -20.27 42.64 13.20
C GLU A 377 -18.78 43.01 13.17
N GLY A 378 -18.53 44.27 12.83
CA GLY A 378 -17.20 44.86 13.01
C GLY A 378 -16.17 44.30 12.04
N ASN A 379 -15.00 43.96 12.59
CA ASN A 379 -13.90 43.49 11.76
C ASN A 379 -14.18 42.14 11.13
N LEU A 380 -15.11 41.37 11.70
CA LEU A 380 -15.48 40.07 11.16
C LEU A 380 -16.14 40.17 9.78
N ALA A 381 -16.62 41.36 9.40
CA ALA A 381 -17.34 41.50 8.13
C ALA A 381 -16.48 41.17 6.93
N SER A 382 -15.16 41.38 7.03
CA SER A 382 -14.26 41.04 5.92
C SER A 382 -13.84 39.57 5.92
N GLY A 383 -14.22 38.81 6.94
CA GLY A 383 -13.95 37.38 6.99
C GLY A 383 -14.98 36.56 6.22
N TYR A 384 -14.82 35.24 6.28
CA TYR A 384 -15.61 34.31 5.48
C TYR A 384 -16.47 33.43 6.39
N TYR A 385 -17.77 33.77 6.50
CA TYR A 385 -18.70 33.10 7.39
C TYR A 385 -19.95 32.71 6.61
N ILE A 386 -20.40 31.47 6.80
CA ILE A 386 -21.58 30.94 6.13
C ILE A 386 -22.51 30.37 7.20
N GLN A 387 -23.82 30.47 6.96
CA GLN A 387 -24.78 29.97 7.94
C GLN A 387 -24.80 28.44 7.93
N PRO A 388 -24.95 27.80 9.09
CA PRO A 388 -25.21 26.35 9.12
C PRO A 388 -26.44 26.01 8.30
N THR A 389 -26.26 25.13 7.33
CA THR A 389 -27.27 24.91 6.30
C THR A 389 -27.74 23.45 6.28
N LEU A 390 -29.06 23.30 6.21
CA LEU A 390 -29.71 22.00 6.25
C LEU A 390 -30.65 21.94 5.06
N LEU A 391 -30.42 21.01 4.16
CA LEU A 391 -31.14 20.88 2.91
C LEU A 391 -31.88 19.57 2.88
N LYS A 392 -33.14 19.60 2.47
CA LYS A 392 -33.94 18.40 2.30
C LYS A 392 -33.87 18.00 0.84
N GLY A 393 -33.65 16.70 0.58
CA GLY A 393 -33.50 16.28 -0.80
C GLY A 393 -33.46 14.78 -0.99
N HIS A 394 -32.84 14.33 -2.07
CA HIS A 394 -32.68 12.91 -2.26
C HIS A 394 -31.26 12.65 -2.76
N ASN A 395 -30.83 11.41 -2.59
CA ASN A 395 -29.43 11.04 -2.74
C ASN A 395 -28.94 11.23 -4.16
N GLY A 396 -29.85 11.36 -5.13
CA GLY A 396 -29.44 11.54 -6.51
C GLY A 396 -28.94 12.93 -6.84
N MET A 397 -29.24 13.91 -5.99
CA MET A 397 -28.85 15.28 -6.26
C MET A 397 -27.34 15.46 -6.13
N ARG A 398 -26.81 16.42 -6.90
CA ARG A 398 -25.39 16.74 -6.87
C ARG A 398 -24.92 17.07 -5.45
N VAL A 399 -25.73 17.81 -4.69
CA VAL A 399 -25.29 18.20 -3.35
C VAL A 399 -25.30 17.01 -2.39
N PHE A 400 -25.97 15.93 -2.74
CA PHE A 400 -25.85 14.68 -2.02
C PHE A 400 -24.72 13.80 -2.53
N GLN A 401 -24.15 14.11 -3.70
CA GLN A 401 -23.10 13.27 -4.26
C GLN A 401 -21.70 13.87 -4.15
N GLU A 402 -21.54 15.19 -4.22
CA GLU A 402 -20.23 15.83 -4.29
C GLU A 402 -19.88 16.44 -2.94
N GLU A 403 -18.58 16.36 -2.59
CA GLU A 403 -18.13 16.89 -1.32
C GLU A 403 -18.08 18.42 -1.37
N ILE A 404 -18.81 19.07 -0.45
CA ILE A 404 -18.87 20.53 -0.41
C ILE A 404 -17.79 21.11 0.49
N PHE A 405 -17.56 20.49 1.66
CA PHE A 405 -16.57 20.98 2.63
C PHE A 405 -16.99 22.33 3.19
N GLY A 406 -18.29 22.47 3.43
CA GLY A 406 -18.80 23.61 4.12
C GLY A 406 -19.83 23.14 5.12
N PRO A 407 -20.44 24.07 5.84
CA PRO A 407 -21.41 23.68 6.89
C PRO A 407 -22.78 23.38 6.29
N VAL A 408 -22.85 22.30 5.53
CA VAL A 408 -24.02 21.95 4.71
C VAL A 408 -24.30 20.46 4.86
N VAL A 409 -25.53 20.14 5.27
CA VAL A 409 -26.00 18.76 5.39
C VAL A 409 -27.19 18.60 4.48
N GLY A 410 -27.21 17.52 3.70
CA GLY A 410 -28.41 17.09 3.01
C GLY A 410 -29.09 16.01 3.83
N VAL A 411 -30.38 16.19 4.07
CA VAL A 411 -31.18 15.23 4.82
C VAL A 411 -32.17 14.57 3.88
N THR A 412 -32.32 13.23 4.01
CA THR A 412 -33.31 12.47 3.26
C THR A 412 -33.84 11.36 4.17
N THR A 413 -34.84 10.62 3.69
CA THR A 413 -35.44 9.56 4.51
C THR A 413 -35.31 8.21 3.82
N PHE A 414 -35.54 7.15 4.59
CA PHE A 414 -35.59 5.79 4.07
C PHE A 414 -36.74 5.08 4.74
N LYS A 415 -37.23 4.02 4.09
CA LYS A 415 -38.31 3.24 4.67
C LYS A 415 -37.78 2.19 5.66
N ASP A 416 -36.86 1.33 5.23
CA ASP A 416 -36.41 0.22 6.06
C ASP A 416 -34.90 0.10 6.00
N GLU A 417 -34.38 -0.89 6.73
CA GLU A 417 -32.93 -1.09 6.85
C GLU A 417 -32.28 -1.29 5.47
N ALA A 418 -32.83 -2.20 4.66
CA ALA A 418 -32.28 -2.43 3.32
C ALA A 418 -32.13 -1.12 2.54
N GLU A 419 -33.10 -0.22 2.63
CA GLU A 419 -32.98 1.02 1.88
C GLU A 419 -31.92 1.94 2.49
N ALA A 420 -31.84 1.97 3.82
CA ALA A 420 -30.82 2.78 4.46
C ALA A 420 -29.41 2.34 4.01
N LEU A 421 -29.17 1.03 3.95
CA LEU A 421 -27.88 0.53 3.50
C LEU A 421 -27.62 0.89 2.05
N ALA A 422 -28.66 0.76 1.20
CA ALA A 422 -28.48 1.09 -0.23
C ALA A 422 -28.16 2.55 -0.42
N ILE A 423 -28.89 3.45 0.27
CA ILE A 423 -28.55 4.87 0.13
C ILE A 423 -27.18 5.16 0.71
N ALA A 424 -26.89 4.62 1.90
CA ALA A 424 -25.60 4.86 2.54
C ALA A 424 -24.44 4.51 1.61
N ASN A 425 -24.55 3.41 0.88
CA ASN A 425 -23.46 2.99 0.03
C ASN A 425 -23.54 3.58 -1.37
N ASP A 426 -24.59 4.34 -1.68
CA ASP A 426 -24.77 4.98 -2.99
C ASP A 426 -23.91 6.24 -3.04
N THR A 427 -22.60 6.01 -3.11
CA THR A 427 -21.60 7.07 -3.18
C THR A 427 -20.35 6.45 -3.73
N GLU A 428 -19.50 7.29 -4.30
CA GLU A 428 -18.17 6.84 -4.68
C GLU A 428 -17.19 6.93 -3.52
N TYR A 429 -17.56 7.62 -2.46
CA TYR A 429 -16.69 7.76 -1.30
C TYR A 429 -16.89 6.59 -0.34
N GLY A 430 -16.07 6.57 0.71
CA GLY A 430 -16.19 5.52 1.70
C GLY A 430 -15.25 5.73 2.88
N LEU A 431 -15.28 6.95 3.44
CA LEU A 431 -14.37 7.30 4.51
C LEU A 431 -14.99 7.08 5.89
N GLY A 432 -16.23 7.50 6.08
CA GLY A 432 -16.86 7.40 7.36
C GLY A 432 -18.36 7.24 7.21
N ALA A 433 -18.99 6.92 8.33
CA ALA A 433 -20.43 6.82 8.41
C ALA A 433 -20.81 6.92 9.88
N GLY A 434 -22.01 7.39 10.14
CA GLY A 434 -22.60 7.39 11.47
C GLY A 434 -23.82 6.49 11.51
N LEU A 435 -24.01 5.81 12.62
CA LEU A 435 -25.01 4.77 12.72
C LEU A 435 -25.65 4.83 14.10
N TRP A 436 -26.95 5.09 14.13
CA TRP A 436 -27.67 5.35 15.39
C TRP A 436 -28.83 4.37 15.51
N THR A 437 -28.67 3.39 16.41
CA THR A 437 -29.65 2.36 16.68
C THR A 437 -29.20 1.67 17.96
N ARG A 438 -30.16 1.25 18.77
CA ARG A 438 -29.85 0.56 20.01
C ARG A 438 -30.07 -0.95 19.93
N ASP A 439 -30.44 -1.47 18.77
CA ASP A 439 -30.54 -2.90 18.55
C ASP A 439 -29.16 -3.44 18.19
N ILE A 440 -28.60 -4.30 19.06
CA ILE A 440 -27.26 -4.85 18.84
C ILE A 440 -27.14 -5.51 17.47
N ASN A 441 -28.20 -6.20 17.00
CA ASN A 441 -28.09 -6.92 15.73
C ASN A 441 -28.07 -5.96 14.55
N ARG A 442 -28.89 -4.91 14.62
CA ARG A 442 -28.87 -3.92 13.56
C ARG A 442 -27.56 -3.14 13.59
N ALA A 443 -27.07 -2.82 14.80
CA ALA A 443 -25.82 -2.08 14.89
C ALA A 443 -24.70 -2.86 14.21
N TYR A 444 -24.67 -4.18 14.41
CA TYR A 444 -23.61 -4.98 13.82
C TYR A 444 -23.81 -5.15 12.31
N ARG A 445 -25.04 -5.52 11.89
CA ARG A 445 -25.33 -5.72 10.47
C ARG A 445 -25.01 -4.47 9.66
N MET A 446 -25.52 -3.33 10.11
CA MET A 446 -25.24 -2.08 9.38
C MET A 446 -23.76 -1.75 9.46
N GLY A 447 -23.13 -1.97 10.63
CA GLY A 447 -21.70 -1.71 10.76
C GLY A 447 -20.87 -2.47 9.75
N ARG A 448 -21.18 -3.76 9.54
CA ARG A 448 -20.48 -4.56 8.53
C ARG A 448 -20.90 -4.17 7.13
N GLY A 449 -22.15 -3.79 6.94
CA GLY A 449 -22.65 -3.54 5.59
C GLY A 449 -22.18 -2.23 4.97
N ILE A 450 -21.97 -1.20 5.78
CA ILE A 450 -21.52 0.09 5.24
C ILE A 450 -20.09 -0.02 4.74
N LYS A 451 -19.86 0.40 3.51
CA LYS A 451 -18.55 0.35 2.88
C LYS A 451 -17.82 1.64 3.22
N ALA A 452 -17.28 1.71 4.45
CA ALA A 452 -16.55 2.89 4.90
C ALA A 452 -15.50 2.47 5.90
N GLY A 453 -14.41 3.23 5.96
CA GLY A 453 -13.33 2.87 6.87
C GLY A 453 -13.73 2.92 8.32
N ARG A 454 -14.51 3.94 8.72
CA ARG A 454 -14.98 4.07 10.08
C ARG A 454 -16.50 4.14 10.12
N VAL A 455 -17.11 3.35 10.99
CA VAL A 455 -18.54 3.50 11.29
C VAL A 455 -18.63 3.87 12.77
N TRP A 456 -18.86 5.16 13.04
CA TRP A 456 -19.17 5.62 14.38
C TRP A 456 -20.55 5.14 14.78
N THR A 457 -20.65 4.41 15.88
CA THR A 457 -21.91 3.80 16.30
C THR A 457 -22.37 4.51 17.57
N ASN A 458 -23.51 5.21 17.44
CA ASN A 458 -24.11 5.96 18.54
C ASN A 458 -23.17 7.03 19.07
N CYS A 459 -22.42 7.63 18.17
CA CYS A 459 -21.57 8.80 18.41
C CYS A 459 -21.20 9.35 17.04
N TYR A 460 -20.50 10.48 17.01
CA TYR A 460 -19.91 10.96 15.77
C TYR A 460 -18.71 11.85 16.11
N HIS A 461 -17.76 11.91 15.19
CA HIS A 461 -16.66 12.87 15.23
C HIS A 461 -15.70 12.62 16.40
N LEU A 462 -15.51 11.36 16.77
CA LEU A 462 -14.45 10.99 17.70
C LEU A 462 -13.27 10.54 16.86
N TYR A 463 -12.12 11.17 17.08
CA TYR A 463 -10.89 10.85 16.35
C TYR A 463 -9.74 10.52 17.31
N PRO A 464 -9.94 9.57 18.23
CA PRO A 464 -8.84 9.21 19.13
C PRO A 464 -7.75 8.48 18.38
N ALA A 465 -6.52 8.60 18.89
CA ALA A 465 -5.52 7.63 18.48
C ALA A 465 -5.97 6.22 18.89
N HIS A 466 -5.41 5.21 18.21
CA HIS A 466 -5.67 3.79 18.45
C HIS A 466 -6.98 3.36 17.82
N ALA A 467 -7.47 4.14 16.86
CA ALA A 467 -8.63 3.76 16.03
C ALA A 467 -8.24 4.06 14.61
N ALA A 468 -8.16 3.02 13.76
CA ALA A 468 -7.62 3.18 12.40
C ALA A 468 -8.56 4.01 11.53
N PHE A 469 -7.99 4.93 10.75
CA PHE A 469 -8.77 5.88 9.97
C PHE A 469 -8.30 5.90 8.51
N GLY A 470 -9.21 5.66 7.57
CA GLY A 470 -8.83 5.63 6.17
C GLY A 470 -9.97 5.15 5.31
N GLY A 471 -9.72 5.21 3.98
CA GLY A 471 -10.79 5.10 3.00
C GLY A 471 -11.08 3.71 2.47
N TYR A 472 -12.36 3.46 2.20
CA TYR A 472 -12.80 2.50 1.20
C TYR A 472 -12.99 3.25 -0.12
N LYS A 473 -13.01 2.51 -1.23
CA LYS A 473 -13.48 3.08 -2.52
C LYS A 473 -12.64 4.30 -2.83
N LYS A 474 -13.22 5.43 -3.23
CA LYS A 474 -12.43 6.57 -3.67
C LYS A 474 -11.99 7.49 -2.53
N SER A 475 -12.33 7.17 -1.29
CA SER A 475 -11.86 8.01 -0.19
C SER A 475 -10.37 7.83 0.11
N GLY A 476 -9.68 6.83 -0.49
CA GLY A 476 -8.25 6.76 -0.37
C GLY A 476 -7.74 5.34 -0.15
N VAL A 477 -6.44 5.25 0.17
CA VAL A 477 -5.75 3.98 0.43
C VAL A 477 -4.81 4.18 1.62
N GLY A 478 -4.83 3.23 2.55
CA GLY A 478 -4.02 3.30 3.76
C GLY A 478 -4.84 3.66 4.98
N ARG A 479 -4.18 3.59 6.14
CA ARG A 479 -4.82 3.94 7.40
C ARG A 479 -3.93 4.88 8.19
N GLU A 480 -4.56 5.73 9.02
CA GLU A 480 -3.87 6.61 9.93
C GLU A 480 -4.42 6.46 11.35
N THR A 481 -3.82 7.22 12.28
CA THR A 481 -4.23 7.35 13.68
C THR A 481 -4.27 6.01 14.41
N HIS A 482 -3.38 5.09 14.05
CA HIS A 482 -3.32 3.75 14.61
C HIS A 482 -1.94 3.15 14.32
N LYS A 483 -1.44 2.34 15.26
CA LYS A 483 -0.09 1.78 15.13
C LYS A 483 0.10 0.98 13.85
N MET A 484 -0.97 0.42 13.27
CA MET A 484 -0.81 -0.27 11.99
C MET A 484 -0.16 0.63 10.93
N MET A 485 -0.24 1.97 11.09
CA MET A 485 0.40 2.90 10.15
C MET A 485 1.90 2.75 10.08
N LEU A 486 2.53 2.31 11.17
CA LEU A 486 3.99 2.22 11.20
C LEU A 486 4.50 1.45 9.99
N ASP A 487 3.71 0.49 9.50
CA ASP A 487 4.14 -0.27 8.34
C ASP A 487 4.13 0.54 7.06
N HIS A 488 3.31 1.60 6.96
CA HIS A 488 3.41 2.51 5.83
C HIS A 488 4.72 3.28 5.86
N TYR A 489 5.36 3.37 7.02
CA TYR A 489 6.54 4.23 7.19
C TYR A 489 7.79 3.43 7.45
N GLN A 490 7.75 2.13 7.20
CA GLN A 490 8.87 1.26 7.45
C GLN A 490 8.92 0.24 6.34
N GLN A 491 10.07 -0.36 6.19
CA GLN A 491 10.19 -1.47 5.28
C GLN A 491 10.50 -2.76 6.04
N THR A 492 10.04 -3.88 5.51
CA THR A 492 10.30 -5.16 6.13
C THR A 492 11.54 -5.79 5.49
N LYS A 493 12.57 -5.99 6.32
CA LYS A 493 13.79 -6.69 5.93
C LYS A 493 13.72 -8.13 6.42
N ASN A 494 13.72 -9.09 5.49
CA ASN A 494 13.71 -10.51 5.82
C ASN A 494 15.13 -11.08 5.76
N LEU A 495 15.73 -11.33 6.91
CA LEU A 495 16.97 -12.10 6.97
C LEU A 495 16.54 -13.56 7.02
N LEU A 496 16.81 -14.29 5.95
CA LEU A 496 16.48 -15.71 5.88
C LEU A 496 17.79 -16.48 6.06
N VAL A 497 18.02 -16.99 7.27
CA VAL A 497 19.34 -17.51 7.68
C VAL A 497 19.31 -19.03 7.73
N SER A 498 20.27 -19.65 7.03
CA SER A 498 20.52 -21.08 7.13
C SER A 498 21.72 -21.34 8.03
N TYR A 499 21.56 -22.27 8.97
CA TYR A 499 22.64 -22.69 9.85
C TYR A 499 23.15 -24.08 9.48
N ASP A 500 22.73 -24.60 8.35
CA ASP A 500 23.21 -25.85 7.80
C ASP A 500 24.40 -25.56 6.89
N ILE A 501 25.49 -26.33 7.04
CA ILE A 501 26.67 -26.13 6.20
C ILE A 501 26.63 -26.95 4.92
N ASN A 502 25.58 -27.81 4.71
CA ASN A 502 25.70 -28.68 3.55
C ASN A 502 25.00 -28.12 2.33
N PRO A 503 25.50 -28.47 1.16
CA PRO A 503 24.82 -28.09 -0.09
C PRO A 503 23.41 -28.67 -0.16
N LEU A 504 22.59 -28.04 -1.00
CA LEU A 504 21.21 -28.47 -1.15
C LEU A 504 21.09 -29.74 -1.99
N GLY A 505 22.04 -30.01 -2.88
CA GLY A 505 21.93 -31.10 -3.82
C GLY A 505 21.46 -30.73 -5.21
N PHE A 506 21.39 -29.43 -5.54
CA PHE A 506 20.97 -29.06 -6.89
C PHE A 506 22.13 -28.75 -7.81
N PHE A 507 23.18 -28.12 -7.30
CA PHE A 507 24.31 -27.81 -8.17
C PHE A 507 25.62 -28.07 -7.43
N SER B 1 16.24 -41.65 -10.69
CA SER B 1 16.27 -41.26 -12.10
C SER B 1 15.09 -41.79 -12.90
N MET B 2 14.41 -40.87 -13.56
CA MET B 2 13.24 -41.22 -14.32
C MET B 2 13.17 -40.27 -15.50
N ILE B 3 12.58 -40.74 -16.58
CA ILE B 3 12.33 -39.92 -17.76
C ILE B 3 10.84 -39.95 -18.00
N TYR B 4 10.20 -38.79 -17.95
CA TYR B 4 8.77 -38.76 -18.22
C TYR B 4 8.54 -38.73 -19.71
N ALA B 5 7.59 -39.53 -20.16
CA ALA B 5 7.25 -39.52 -21.58
C ALA B 5 6.65 -38.17 -21.95
N ALA B 6 6.91 -37.74 -23.18
CA ALA B 6 6.33 -36.49 -23.65
C ALA B 6 4.80 -36.61 -23.66
N PRO B 7 4.08 -35.54 -23.30
CA PRO B 7 2.61 -35.63 -23.21
C PRO B 7 2.01 -36.13 -24.51
N GLY B 8 0.99 -36.97 -24.38
CA GLY B 8 0.35 -37.51 -25.56
C GLY B 8 1.05 -38.68 -26.25
N THR B 9 2.25 -39.11 -25.76
CA THR B 9 2.97 -40.29 -26.24
C THR B 9 2.76 -41.47 -25.30
N PRO B 10 3.08 -42.70 -25.71
CA PRO B 10 2.83 -43.85 -24.82
C PRO B 10 3.62 -43.73 -23.53
N GLY B 11 2.93 -43.99 -22.42
CA GLY B 11 3.53 -43.87 -21.11
C GLY B 11 3.41 -42.51 -20.46
N ALA B 12 2.92 -41.51 -21.18
CA ALA B 12 2.82 -40.16 -20.62
C ALA B 12 1.83 -40.14 -19.47
N VAL B 13 2.09 -39.26 -18.50
CA VAL B 13 1.15 -39.08 -17.39
C VAL B 13 0.01 -38.13 -17.73
N VAL B 14 0.01 -37.54 -18.91
CA VAL B 14 -1.03 -36.59 -19.26
C VAL B 14 -1.06 -36.48 -20.77
N THR B 15 -2.26 -36.23 -21.30
CA THR B 15 -2.45 -35.83 -22.69
C THR B 15 -3.37 -34.62 -22.67
N PHE B 16 -3.03 -33.61 -23.44
CA PHE B 16 -3.74 -32.34 -23.39
C PHE B 16 -4.84 -32.25 -24.43
N LYS B 17 -5.85 -31.44 -24.13
CA LYS B 17 -6.86 -31.11 -25.12
C LYS B 17 -6.24 -30.26 -26.21
N PRO B 18 -6.84 -30.23 -27.41
CA PRO B 18 -6.35 -29.33 -28.46
C PRO B 18 -6.82 -27.90 -28.29
N ARG B 19 -7.83 -27.65 -27.47
CA ARG B 19 -8.32 -26.29 -27.29
C ARG B 19 -8.84 -26.12 -25.89
N TYR B 20 -8.54 -24.97 -25.29
CA TYR B 20 -8.98 -24.66 -23.93
C TYR B 20 -9.77 -23.37 -23.93
N GLY B 21 -10.74 -23.26 -23.01
CA GLY B 21 -11.50 -22.05 -22.85
C GLY B 21 -11.02 -21.18 -21.69
N ASN B 22 -11.68 -20.04 -21.54
CA ASN B 22 -11.61 -19.28 -20.30
C ASN B 22 -12.41 -20.01 -19.24
N TYR B 23 -12.04 -19.78 -17.99
CA TYR B 23 -12.77 -20.34 -16.86
C TYR B 23 -13.53 -19.20 -16.17
N ILE B 24 -14.86 -19.22 -16.31
CA ILE B 24 -15.72 -18.13 -15.83
C ILE B 24 -16.99 -18.73 -15.24
N GLY B 25 -17.36 -18.31 -14.05
CA GLY B 25 -18.59 -18.78 -13.45
C GLY B 25 -18.69 -20.28 -13.31
N GLY B 26 -17.60 -20.95 -12.96
CA GLY B 26 -17.63 -22.37 -12.66
C GLY B 26 -17.51 -23.29 -13.84
N GLU B 27 -17.26 -22.76 -15.04
CA GLU B 27 -17.21 -23.62 -16.21
C GLU B 27 -16.23 -23.02 -17.20
N PHE B 28 -15.73 -23.87 -18.12
CA PHE B 28 -14.92 -23.41 -19.25
C PHE B 28 -15.82 -22.91 -20.37
N VAL B 29 -15.51 -21.75 -20.93
CA VAL B 29 -16.30 -21.10 -21.98
C VAL B 29 -15.37 -20.52 -23.03
N PRO B 30 -15.86 -20.35 -24.25
CA PRO B 30 -15.04 -19.78 -25.33
C PRO B 30 -14.97 -18.26 -25.25
N PRO B 31 -13.99 -17.65 -25.90
CA PRO B 31 -13.93 -16.19 -25.91
C PRO B 31 -15.15 -15.61 -26.63
N VAL B 32 -15.55 -14.41 -26.22
CA VAL B 32 -16.77 -13.81 -26.77
C VAL B 32 -16.66 -13.66 -28.29
N LYS B 33 -15.51 -13.22 -28.79
CA LYS B 33 -15.35 -13.03 -30.22
C LYS B 33 -14.58 -14.16 -30.90
N GLY B 34 -14.43 -15.30 -30.24
CA GLY B 34 -13.96 -16.48 -30.93
C GLY B 34 -12.52 -16.46 -31.40
N GLN B 35 -11.70 -15.50 -31.00
CA GLN B 35 -10.30 -15.49 -31.38
C GLN B 35 -9.46 -16.37 -30.45
N TYR B 36 -8.51 -17.09 -31.03
CA TYR B 36 -7.61 -17.97 -30.30
C TYR B 36 -6.15 -17.73 -30.69
N PHE B 37 -5.25 -18.13 -29.80
CA PHE B 37 -3.83 -18.19 -30.11
C PHE B 37 -3.33 -19.59 -29.80
N THR B 38 -2.16 -19.89 -30.32
CA THR B 38 -1.58 -21.21 -30.17
C THR B 38 -0.42 -21.16 -29.19
N ASN B 39 -0.47 -22.03 -28.19
CA ASN B 39 0.58 -22.17 -27.22
C ASN B 39 1.49 -23.32 -27.67
N THR B 40 2.80 -23.07 -27.70
CA THR B 40 3.81 -24.05 -28.08
C THR B 40 4.68 -24.41 -26.88
N SER B 41 5.20 -25.63 -26.89
CA SER B 41 6.11 -26.03 -25.82
C SER B 41 7.51 -25.55 -26.13
N PRO B 42 8.19 -24.87 -25.21
CA PRO B 42 9.59 -24.47 -25.44
C PRO B 42 10.60 -25.59 -25.27
N VAL B 43 10.16 -26.77 -24.82
CA VAL B 43 11.04 -27.93 -24.76
C VAL B 43 11.46 -28.35 -26.16
N ASN B 44 10.50 -28.39 -27.10
CA ASN B 44 10.72 -28.92 -28.43
C ASN B 44 10.09 -28.09 -29.54
N GLY B 45 9.60 -26.88 -29.25
CA GLY B 45 8.97 -26.06 -30.27
C GLY B 45 7.64 -26.56 -30.80
N GLN B 46 7.14 -27.70 -30.32
N GLN B 46 7.17 -27.73 -30.38
CA GLN B 46 5.94 -28.23 -30.95
CA GLN B 46 5.94 -28.22 -30.95
C GLN B 46 4.69 -27.68 -30.26
C GLN B 46 4.74 -27.52 -30.30
N PRO B 47 3.62 -27.39 -31.01
CA PRO B 47 2.44 -26.77 -30.41
C PRO B 47 1.77 -27.69 -29.41
N ILE B 48 1.06 -27.08 -28.47
CA ILE B 48 0.34 -27.80 -27.42
C ILE B 48 -1.16 -27.76 -27.65
N ALA B 49 -1.73 -26.56 -27.74
CA ALA B 49 -3.17 -26.42 -27.79
C ALA B 49 -3.46 -24.96 -28.10
N GLU B 50 -4.74 -24.68 -28.32
CA GLU B 50 -5.20 -23.33 -28.56
C GLU B 50 -5.86 -22.77 -27.30
N PHE B 51 -5.68 -21.47 -27.09
CA PHE B 51 -6.22 -20.80 -25.91
C PHE B 51 -6.84 -19.48 -26.33
N PRO B 52 -7.82 -18.98 -25.58
CA PRO B 52 -8.51 -17.77 -26.03
C PRO B 52 -7.57 -16.58 -26.14
N ARG B 53 -7.71 -15.82 -27.24
CA ARG B 53 -7.14 -14.49 -27.32
C ARG B 53 -8.25 -13.53 -26.88
N SER B 54 -8.45 -13.48 -25.57
CA SER B 54 -9.61 -12.84 -24.98
C SER B 54 -9.57 -11.32 -25.15
N THR B 55 -10.75 -10.74 -25.11
CA THR B 55 -10.90 -9.30 -25.27
C THR B 55 -11.53 -8.70 -24.01
N ALA B 56 -11.72 -7.38 -24.05
CA ALA B 56 -12.38 -6.68 -22.96
C ALA B 56 -13.72 -7.32 -22.59
N GLU B 57 -14.44 -7.86 -23.58
CA GLU B 57 -15.75 -8.47 -23.30
C GLU B 57 -15.63 -9.67 -22.36
N ASP B 58 -14.55 -10.45 -22.51
CA ASP B 58 -14.36 -11.62 -21.64
C ASP B 58 -14.01 -11.19 -20.22
N ILE B 59 -13.16 -10.17 -20.09
CA ILE B 59 -12.86 -9.60 -18.79
C ILE B 59 -14.14 -9.15 -18.10
N ASP B 60 -15.05 -8.50 -18.84
CA ASP B 60 -16.27 -8.04 -18.20
C ASP B 60 -17.21 -9.18 -17.89
N LYS B 61 -17.20 -10.23 -18.69
CA LYS B 61 -18.02 -11.39 -18.35
C LYS B 61 -17.46 -12.12 -17.10
N ALA B 62 -16.14 -12.11 -16.90
CA ALA B 62 -15.60 -12.70 -15.67
C ALA B 62 -15.89 -11.82 -14.47
N LEU B 63 -15.80 -10.50 -14.63
CA LEU B 63 -16.14 -9.61 -13.54
C LEU B 63 -17.60 -9.73 -13.16
N ASP B 64 -18.47 -10.03 -14.12
CA ASP B 64 -19.90 -10.23 -13.84
C ASP B 64 -20.09 -11.41 -12.92
N ALA B 65 -19.43 -12.52 -13.23
CA ALA B 65 -19.54 -13.73 -12.42
C ALA B 65 -18.91 -13.52 -11.04
N ALA B 66 -17.73 -12.90 -11.02
CA ALA B 66 -17.07 -12.58 -9.75
C ALA B 66 -17.95 -11.73 -8.84
N HIS B 67 -18.58 -10.70 -9.41
CA HIS B 67 -19.41 -9.79 -8.62
C HIS B 67 -20.71 -10.47 -8.17
N ALA B 68 -21.20 -11.43 -8.94
CA ALA B 68 -22.40 -12.13 -8.50
C ALA B 68 -22.08 -13.07 -7.34
N ALA B 69 -20.84 -13.57 -7.27
CA ALA B 69 -20.44 -14.53 -6.22
C ALA B 69 -19.86 -13.87 -4.99
N ALA B 70 -19.49 -12.58 -5.07
CA ALA B 70 -18.60 -11.98 -4.09
C ALA B 70 -19.22 -11.91 -2.70
N GLU B 71 -20.52 -11.60 -2.62
CA GLU B 71 -21.15 -11.38 -1.32
C GLU B 71 -21.20 -12.66 -0.50
N ALA B 72 -21.70 -13.74 -1.09
CA ALA B 72 -21.81 -15.02 -0.38
C ALA B 72 -20.43 -15.62 -0.11
N TRP B 73 -19.49 -15.45 -1.04
CA TRP B 73 -18.15 -15.94 -0.78
C TRP B 73 -17.54 -15.17 0.38
N GLY B 74 -17.69 -13.84 0.38
CA GLY B 74 -17.16 -13.02 1.46
C GLY B 74 -17.76 -13.32 2.82
N ARG B 75 -18.96 -13.89 2.87
CA ARG B 75 -19.63 -14.18 4.13
C ARG B 75 -19.53 -15.65 4.52
N THR B 76 -18.90 -16.48 3.68
CA THR B 76 -18.55 -17.84 4.03
C THR B 76 -17.55 -17.88 5.20
N SER B 77 -17.76 -18.82 6.13
CA SER B 77 -16.99 -18.82 7.35
C SER B 77 -15.51 -19.07 7.09
N VAL B 78 -14.68 -18.54 7.99
CA VAL B 78 -13.24 -18.73 7.93
C VAL B 78 -12.90 -20.21 7.90
N GLN B 79 -13.56 -21.01 8.77
CA GLN B 79 -13.34 -22.45 8.77
C GLN B 79 -13.59 -23.05 7.40
N GLU B 80 -14.72 -22.66 6.78
CA GLU B 80 -15.07 -23.28 5.51
C GLU B 80 -14.12 -22.85 4.40
N ARG B 81 -13.78 -21.56 4.32
CA ARG B 81 -12.81 -21.14 3.31
C ARG B 81 -11.47 -21.83 3.53
N SER B 82 -11.02 -21.90 4.80
CA SER B 82 -9.77 -22.58 5.10
C SER B 82 -9.82 -24.04 4.63
N ASN B 83 -10.91 -24.73 4.94
CA ASN B 83 -11.02 -26.14 4.56
C ASN B 83 -11.00 -26.32 3.04
N ILE B 84 -11.54 -25.35 2.28
CA ILE B 84 -11.45 -25.41 0.82
C ILE B 84 -10.01 -25.26 0.35
N LEU B 85 -9.27 -24.32 0.91
CA LEU B 85 -7.85 -24.19 0.55
C LEU B 85 -7.07 -25.47 0.88
N LEU B 86 -7.41 -26.12 1.99
CA LEU B 86 -6.75 -27.37 2.35
C LEU B 86 -7.05 -28.46 1.33
N LYS B 87 -8.28 -28.51 0.83
CA LYS B 87 -8.63 -29.49 -0.22
C LYS B 87 -7.92 -29.17 -1.52
N ILE B 88 -7.73 -27.88 -1.81
CA ILE B 88 -6.99 -27.52 -3.03
C ILE B 88 -5.57 -28.05 -2.94
N ALA B 89 -4.94 -27.89 -1.77
CA ALA B 89 -3.56 -28.36 -1.58
C ALA B 89 -3.46 -29.87 -1.77
N ASP B 90 -4.41 -30.63 -1.21
CA ASP B 90 -4.40 -32.08 -1.35
C ASP B 90 -4.53 -32.48 -2.82
N ARG B 91 -5.40 -31.78 -3.57
CA ARG B 91 -5.59 -32.10 -4.98
C ARG B 91 -4.31 -31.84 -5.76
N ILE B 92 -3.60 -30.76 -5.42
CA ILE B 92 -2.32 -30.49 -6.05
C ILE B 92 -1.33 -31.62 -5.74
N GLU B 93 -1.24 -32.02 -4.48
CA GLU B 93 -0.29 -33.05 -4.11
C GLU B 93 -0.67 -34.39 -4.73
N GLN B 94 -1.97 -34.68 -4.80
CA GLN B 94 -2.42 -35.92 -5.40
C GLN B 94 -2.09 -36.01 -6.87
N ASN B 95 -1.82 -34.88 -7.52
CA ASN B 95 -1.53 -34.85 -8.95
C ASN B 95 -0.15 -34.28 -9.21
N LEU B 96 0.79 -34.57 -8.30
CA LEU B 96 2.07 -33.88 -8.33
C LEU B 96 2.79 -34.08 -9.65
N GLU B 97 2.92 -35.33 -10.10
CA GLU B 97 3.65 -35.61 -11.32
C GLU B 97 2.93 -35.05 -12.53
N LEU B 98 1.61 -35.29 -12.59
CA LEU B 98 0.82 -34.73 -13.70
C LEU B 98 1.06 -33.24 -13.82
N LEU B 99 1.04 -32.53 -12.68
CA LEU B 99 1.16 -31.09 -12.74
C LEU B 99 2.59 -30.67 -13.05
N ALA B 100 3.57 -31.42 -12.54
CA ALA B 100 4.96 -31.07 -12.76
C ALA B 100 5.35 -31.26 -14.22
N VAL B 101 4.85 -32.33 -14.85
CA VAL B 101 5.12 -32.56 -16.26
C VAL B 101 4.45 -31.49 -17.11
N THR B 102 3.21 -31.13 -16.77
CA THR B 102 2.50 -30.08 -17.49
C THR B 102 3.32 -28.78 -17.46
N GLU B 103 3.83 -28.42 -16.27
CA GLU B 103 4.52 -27.16 -16.09
C GLU B 103 5.85 -27.15 -16.86
N THR B 104 6.61 -28.25 -16.80
CA THR B 104 7.79 -28.37 -17.65
C THR B 104 7.41 -28.24 -19.12
N TRP B 105 6.35 -28.93 -19.55
CA TRP B 105 5.97 -28.87 -20.96
C TRP B 105 5.61 -27.46 -21.37
N ASP B 106 4.90 -26.72 -20.51
CA ASP B 106 4.41 -25.41 -20.91
C ASP B 106 5.50 -24.35 -20.80
N ASN B 107 6.41 -24.50 -19.86
CA ASN B 107 7.36 -23.46 -19.51
C ASN B 107 8.79 -23.81 -19.88
N GLY B 108 9.16 -25.09 -19.90
CA GLY B 108 10.48 -25.49 -20.35
C GLY B 108 11.45 -25.86 -19.26
N LYS B 109 11.14 -25.54 -18.01
CA LYS B 109 12.10 -25.80 -16.95
C LYS B 109 12.23 -27.30 -16.69
N ALA B 110 13.38 -27.68 -16.12
CA ALA B 110 13.65 -29.08 -15.82
C ALA B 110 12.64 -29.65 -14.83
N VAL B 111 12.16 -30.87 -15.12
CA VAL B 111 11.10 -31.44 -14.30
C VAL B 111 11.55 -31.71 -12.88
N ARG B 112 12.87 -31.80 -12.61
CA ARG B 112 13.29 -31.95 -11.23
C ARG B 112 12.93 -30.71 -10.42
N GLU B 113 12.80 -29.55 -11.09
CA GLU B 113 12.44 -28.32 -10.42
C GLU B 113 10.95 -28.28 -10.10
N THR B 114 10.12 -28.66 -11.08
CA THR B 114 8.71 -28.65 -10.80
C THR B 114 8.34 -29.75 -9.82
N LEU B 115 9.03 -30.89 -9.86
CA LEU B 115 8.72 -31.98 -8.95
C LEU B 115 9.10 -31.66 -7.52
N ASN B 116 10.19 -30.91 -7.32
CA ASN B 116 10.74 -30.72 -5.99
C ASN B 116 10.48 -29.35 -5.40
N ALA B 117 10.21 -28.34 -6.23
CA ALA B 117 10.00 -26.97 -5.76
C ALA B 117 8.61 -26.47 -6.14
N ASP B 118 8.34 -26.21 -7.42
CA ASP B 118 7.11 -25.52 -7.85
C ASP B 118 5.85 -26.16 -7.28
N ILE B 119 5.62 -27.43 -7.61
CA ILE B 119 4.34 -28.03 -7.25
C ILE B 119 4.25 -28.22 -5.74
N PRO B 120 5.25 -28.77 -5.05
CA PRO B 120 5.08 -28.90 -3.58
C PRO B 120 4.96 -27.55 -2.91
N LEU B 121 5.70 -26.54 -3.35
CA LEU B 121 5.55 -25.21 -2.76
C LEU B 121 4.17 -24.64 -3.05
N ALA B 122 3.62 -24.93 -4.25
CA ALA B 122 2.28 -24.46 -4.56
C ALA B 122 1.28 -25.09 -3.63
N ALA B 123 1.38 -26.40 -3.43
CA ALA B 123 0.49 -27.06 -2.48
C ALA B 123 0.66 -26.48 -1.08
N ASP B 124 1.90 -26.27 -0.62
CA ASP B 124 2.08 -25.79 0.75
C ASP B 124 1.56 -24.37 0.92
N HIS B 125 1.62 -23.55 -0.14
CA HIS B 125 1.13 -22.18 -0.04
C HIS B 125 -0.36 -22.15 0.27
N PHE B 126 -1.11 -23.12 -0.25
CA PHE B 126 -2.53 -23.18 0.08
C PHE B 126 -2.74 -23.61 1.52
N ARG B 127 -1.95 -24.59 1.99
CA ARG B 127 -2.05 -24.98 3.39
C ARG B 127 -1.65 -23.83 4.30
N TYR B 128 -0.66 -23.05 3.88
CA TYR B 128 -0.16 -22.00 4.75
C TYR B 128 -1.20 -20.91 4.94
N PHE B 129 -1.83 -20.46 3.84
CA PHE B 129 -2.86 -19.43 3.97
C PHE B 129 -4.15 -20.00 4.52
N ALA B 130 -4.42 -21.30 4.30
CA ALA B 130 -5.55 -21.91 5.01
C ALA B 130 -5.32 -21.83 6.50
N GLY B 131 -4.08 -21.91 6.93
CA GLY B 131 -3.79 -21.88 8.33
C GLY B 131 -3.76 -20.47 8.87
N CYS B 132 -3.19 -19.54 8.10
CA CYS B 132 -3.12 -18.17 8.59
C CYS B 132 -4.50 -17.52 8.69
N ILE B 133 -5.44 -17.89 7.83
CA ILE B 133 -6.77 -17.30 7.98
C ILE B 133 -7.47 -17.89 9.21
N ARG B 134 -7.15 -19.13 9.63
CA ARG B 134 -7.69 -19.64 10.89
C ARG B 134 -7.22 -18.80 12.07
N ALA B 135 -5.97 -18.34 12.00
CA ALA B 135 -5.35 -17.65 13.12
C ALA B 135 -5.63 -16.16 13.14
N GLN B 136 -6.08 -15.60 12.02
CA GLN B 136 -6.20 -14.15 11.89
C GLN B 136 -7.21 -13.57 12.89
N GLU B 137 -6.83 -12.46 13.50
CA GLU B 137 -7.71 -11.69 14.37
C GLU B 137 -7.65 -10.22 14.02
N GLY B 138 -8.82 -9.56 14.07
CA GLY B 138 -8.87 -8.11 14.18
C GLY B 138 -8.66 -7.72 15.65
N SER B 139 -9.10 -6.52 16.00
CA SER B 139 -8.78 -6.00 17.32
C SER B 139 -10.00 -5.40 18.00
N ALA B 140 -9.88 -5.34 19.31
CA ALA B 140 -10.84 -4.68 20.18
C ALA B 140 -10.04 -3.99 21.27
N ALA B 141 -10.25 -2.69 21.43
CA ALA B 141 -9.51 -1.94 22.41
C ALA B 141 -10.43 -0.92 23.05
N GLU B 142 -10.37 -0.82 24.37
CA GLU B 142 -11.16 0.15 25.12
C GLU B 142 -10.43 1.50 25.13
N ILE B 143 -11.00 2.49 24.44
CA ILE B 143 -10.42 3.82 24.39
C ILE B 143 -10.68 4.57 25.69
N ASN B 144 -11.89 4.47 26.22
CA ASN B 144 -12.20 4.86 27.59
C ASN B 144 -13.39 4.01 28.05
N ASP B 145 -13.90 4.32 29.25
CA ASP B 145 -14.89 3.45 29.90
C ASP B 145 -16.11 3.20 29.03
N SER B 146 -16.44 4.12 28.13
CA SER B 146 -17.66 4.00 27.34
C SER B 146 -17.38 4.07 25.85
N THR B 147 -16.13 3.87 25.42
CA THR B 147 -15.78 3.94 24.01
C THR B 147 -14.87 2.80 23.67
N VAL B 148 -15.27 1.98 22.69
CA VAL B 148 -14.49 0.83 22.27
C VAL B 148 -14.26 0.92 20.76
N ALA B 149 -13.02 0.75 20.35
CA ALA B 149 -12.66 0.63 18.95
C ALA B 149 -12.58 -0.85 18.60
N TYR B 150 -13.36 -1.26 17.60
CA TYR B 150 -13.25 -2.59 17.00
C TYR B 150 -12.70 -2.43 15.59
N HIS B 151 -11.78 -3.33 15.21
CA HIS B 151 -11.26 -3.41 13.85
C HIS B 151 -11.52 -4.82 13.33
N ILE B 152 -12.31 -4.92 12.25
CA ILE B 152 -12.74 -6.20 11.68
C ILE B 152 -12.18 -6.28 10.27
N HIS B 153 -11.50 -7.38 9.96
CA HIS B 153 -11.01 -7.60 8.60
C HIS B 153 -12.18 -7.92 7.69
N GLU B 154 -12.22 -7.26 6.54
CA GLU B 154 -13.26 -7.50 5.56
C GLU B 154 -12.64 -7.80 4.20
N PRO B 155 -13.27 -8.64 3.40
CA PRO B 155 -12.77 -8.87 2.04
C PRO B 155 -12.80 -7.59 1.23
N LEU B 156 -11.84 -7.43 0.33
CA LEU B 156 -11.97 -6.32 -0.62
C LEU B 156 -13.13 -6.54 -1.59
N GLY B 157 -13.46 -7.79 -1.90
CA GLY B 157 -14.53 -8.08 -2.84
C GLY B 157 -14.01 -8.79 -4.06
N VAL B 158 -13.91 -8.07 -5.18
CA VAL B 158 -13.42 -8.60 -6.44
C VAL B 158 -12.05 -7.98 -6.70
N VAL B 159 -11.05 -8.82 -6.95
CA VAL B 159 -9.69 -8.35 -7.14
C VAL B 159 -9.17 -8.89 -8.46
N GLY B 160 -8.22 -8.16 -9.05
CA GLY B 160 -7.59 -8.58 -10.29
C GLY B 160 -6.15 -9.00 -10.04
N GLN B 161 -5.71 -10.04 -10.74
CA GLN B 161 -4.38 -10.56 -10.57
C GLN B 161 -3.81 -10.90 -11.93
N ILE B 162 -2.59 -10.42 -12.19
CA ILE B 162 -1.88 -10.64 -13.44
C ILE B 162 -0.54 -11.29 -13.10
N ILE B 163 -0.25 -12.45 -13.69
CA ILE B 163 0.91 -13.23 -13.27
C ILE B 163 1.81 -13.50 -14.46
N PRO B 164 3.10 -13.80 -14.22
CA PRO B 164 4.01 -14.04 -15.35
C PRO B 164 4.17 -15.52 -15.68
N TRP B 165 5.18 -15.83 -16.49
CA TRP B 165 5.34 -17.16 -17.05
C TRP B 165 6.49 -17.97 -16.45
N ASN B 166 7.29 -17.39 -15.56
CA ASN B 166 8.47 -18.12 -15.11
C ASN B 166 8.13 -19.16 -14.04
N PHE B 167 7.07 -18.96 -13.27
CA PHE B 167 6.57 -19.97 -12.33
C PHE B 167 5.06 -20.02 -12.44
N PRO B 168 4.53 -20.54 -13.55
CA PRO B 168 3.10 -20.35 -13.82
C PRO B 168 2.19 -20.81 -12.68
N LEU B 169 2.40 -22.01 -12.15
CA LEU B 169 1.52 -22.52 -11.11
C LEU B 169 1.91 -21.99 -9.74
N LEU B 170 3.22 -21.83 -9.47
CA LEU B 170 3.62 -21.31 -8.18
C LEU B 170 3.17 -19.86 -8.03
N MET B 171 3.40 -19.04 -9.07
CA MET B 171 2.86 -17.67 -9.09
C MET B 171 1.35 -17.67 -8.87
N ALA B 172 0.63 -18.61 -9.50
CA ALA B 172 -0.80 -18.68 -9.28
C ALA B 172 -1.10 -18.94 -7.80
N ALA B 173 -0.36 -19.85 -7.19
CA ALA B 173 -0.57 -20.12 -5.77
C ALA B 173 -0.23 -18.90 -4.92
N TRP B 174 0.88 -18.22 -5.25
CA TRP B 174 1.28 -17.05 -4.48
C TRP B 174 0.21 -15.98 -4.45
N LYS B 175 -0.52 -15.81 -5.57
CA LYS B 175 -1.57 -14.80 -5.65
C LYS B 175 -2.91 -15.33 -5.18
N LEU B 176 -3.27 -16.58 -5.54
CA LEU B 176 -4.62 -17.08 -5.27
C LEU B 176 -4.82 -17.47 -3.82
N ALA B 177 -3.84 -18.14 -3.20
CA ALA B 177 -4.08 -18.61 -1.83
C ALA B 177 -4.43 -17.48 -0.88
N PRO B 178 -3.65 -16.40 -0.78
CA PRO B 178 -4.08 -15.31 0.12
C PRO B 178 -5.37 -14.66 -0.33
N ALA B 179 -5.55 -14.41 -1.64
CA ALA B 179 -6.76 -13.72 -2.09
C ALA B 179 -8.03 -14.50 -1.73
N LEU B 180 -8.02 -15.81 -1.97
CA LEU B 180 -9.18 -16.64 -1.67
C LEU B 180 -9.34 -16.81 -0.16
N ALA B 181 -8.23 -16.96 0.57
CA ALA B 181 -8.33 -17.10 2.02
C ALA B 181 -9.01 -15.88 2.63
N ALA B 182 -8.72 -14.70 2.10
CA ALA B 182 -9.32 -13.47 2.57
C ALA B 182 -10.78 -13.28 2.15
N GLY B 183 -11.35 -14.22 1.38
CA GLY B 183 -12.76 -14.13 1.03
C GLY B 183 -13.05 -13.24 -0.16
N ASN B 184 -12.05 -13.02 -1.03
CA ASN B 184 -12.20 -12.29 -2.28
C ASN B 184 -12.53 -13.23 -3.45
N CYS B 185 -13.23 -12.70 -4.45
CA CYS B 185 -13.33 -13.32 -5.75
C CYS B 185 -12.20 -12.79 -6.62
N VAL B 186 -11.74 -13.63 -7.56
CA VAL B 186 -10.57 -13.31 -8.35
C VAL B 186 -10.89 -13.36 -9.85
N VAL B 187 -10.36 -12.39 -10.58
CA VAL B 187 -10.18 -12.53 -12.02
C VAL B 187 -8.67 -12.56 -12.27
N LEU B 188 -8.19 -13.70 -12.74
CA LEU B 188 -6.77 -13.94 -12.93
C LEU B 188 -6.43 -13.94 -14.42
N LYS B 189 -5.38 -13.20 -14.78
CA LYS B 189 -4.91 -13.18 -16.17
C LYS B 189 -3.52 -13.82 -16.28
N PRO B 190 -3.43 -15.10 -16.65
CA PRO B 190 -2.12 -15.75 -16.76
C PRO B 190 -1.36 -15.26 -17.97
N ALA B 191 -0.04 -15.46 -17.93
CA ALA B 191 0.81 -15.08 -19.04
C ALA B 191 0.47 -15.88 -20.29
N GLU B 192 0.44 -15.19 -21.43
CA GLU B 192 0.10 -15.86 -22.67
C GLU B 192 1.15 -16.90 -23.06
N GLN B 193 2.37 -16.80 -22.55
CA GLN B 193 3.37 -17.84 -22.81
C GLN B 193 3.06 -19.14 -22.11
N THR B 194 2.30 -19.10 -21.00
CA THR B 194 2.08 -20.27 -20.15
C THR B 194 0.63 -20.34 -19.66
N PRO B 195 -0.32 -20.57 -20.58
CA PRO B 195 -1.73 -20.65 -20.17
C PRO B 195 -2.17 -22.03 -19.73
N LEU B 196 -1.32 -23.04 -19.92
CA LEU B 196 -1.75 -24.42 -19.84
C LEU B 196 -1.91 -24.88 -18.39
N GLY B 197 -0.90 -24.62 -17.56
CA GLY B 197 -0.91 -25.20 -16.23
C GLY B 197 -2.12 -24.81 -15.44
N ILE B 198 -2.51 -23.54 -15.50
CA ILE B 198 -3.65 -23.07 -14.73
C ILE B 198 -4.94 -23.71 -15.22
N CYS B 199 -5.03 -24.07 -16.52
CA CYS B 199 -6.20 -24.78 -17.02
C CYS B 199 -6.27 -26.19 -16.45
N VAL B 200 -5.16 -26.92 -16.48
CA VAL B 200 -5.14 -28.25 -15.90
C VAL B 200 -5.50 -28.18 -14.42
N LEU B 201 -4.93 -27.20 -13.71
CA LEU B 201 -5.25 -27.05 -12.30
C LEU B 201 -6.75 -26.79 -12.09
N LEU B 202 -7.35 -25.91 -12.91
CA LEU B 202 -8.78 -25.64 -12.76
C LEU B 202 -9.61 -26.89 -13.03
N GLU B 203 -9.15 -27.78 -13.93
CA GLU B 203 -9.85 -29.03 -14.15
C GLU B 203 -9.85 -29.90 -12.90
N LEU B 204 -8.80 -29.81 -12.08
CA LEU B 204 -8.68 -30.62 -10.87
C LEU B 204 -9.37 -30.03 -9.66
N ILE B 205 -9.49 -28.71 -9.56
CA ILE B 205 -10.00 -28.07 -8.35
C ILE B 205 -11.27 -27.26 -8.57
N GLY B 206 -11.69 -27.02 -9.81
CA GLY B 206 -12.77 -26.07 -10.05
C GLY B 206 -14.02 -26.34 -9.22
N ASP B 207 -14.35 -27.62 -9.01
CA ASP B 207 -15.54 -27.99 -8.24
C ASP B 207 -15.41 -27.70 -6.74
N LEU B 208 -14.22 -27.32 -6.25
CA LEU B 208 -14.11 -27.02 -4.83
C LEU B 208 -14.62 -25.63 -4.48
N LEU B 209 -14.70 -24.72 -5.48
CA LEU B 209 -15.04 -23.33 -5.24
C LEU B 209 -16.39 -22.98 -5.83
N PRO B 210 -17.14 -22.08 -5.20
CA PRO B 210 -18.41 -21.66 -5.78
C PRO B 210 -18.22 -21.02 -7.14
N PRO B 211 -19.20 -21.19 -8.04
CA PRO B 211 -19.12 -20.55 -9.36
C PRO B 211 -18.90 -19.06 -9.23
N GLY B 212 -17.94 -18.56 -10.00
CA GLY B 212 -17.64 -17.15 -10.01
C GLY B 212 -16.60 -16.71 -9.00
N VAL B 213 -16.21 -17.56 -8.05
CA VAL B 213 -15.24 -17.12 -7.06
C VAL B 213 -13.84 -17.01 -7.70
N LEU B 214 -13.51 -17.95 -8.57
CA LEU B 214 -12.22 -17.96 -9.26
C LEU B 214 -12.46 -17.95 -10.76
N ASN B 215 -12.04 -16.90 -11.45
CA ASN B 215 -12.22 -16.75 -12.89
C ASN B 215 -10.87 -16.53 -13.54
N VAL B 216 -10.60 -17.26 -14.62
CA VAL B 216 -9.31 -17.25 -15.31
C VAL B 216 -9.55 -16.87 -16.77
N VAL B 217 -8.98 -15.75 -17.21
CA VAL B 217 -9.15 -15.25 -18.57
C VAL B 217 -7.78 -15.23 -19.24
N GLN B 218 -7.62 -16.02 -20.31
CA GLN B 218 -6.38 -16.11 -21.07
C GLN B 218 -6.29 -15.00 -22.11
N GLY B 219 -5.08 -14.60 -22.44
CA GLY B 219 -4.93 -13.62 -23.51
C GLY B 219 -3.66 -12.82 -23.39
N PHE B 220 -3.53 -11.89 -24.33
CA PHE B 220 -2.31 -11.10 -24.46
C PHE B 220 -2.27 -9.98 -23.44
N GLY B 221 -1.07 -9.57 -23.05
CA GLY B 221 -0.95 -8.50 -22.08
C GLY B 221 -1.66 -7.23 -22.52
N ARG B 222 -1.46 -6.85 -23.78
CA ARG B 222 -1.96 -5.57 -24.26
C ARG B 222 -3.47 -5.57 -24.46
N GLU B 223 -4.11 -6.74 -24.47
CA GLU B 223 -5.53 -6.87 -24.72
C GLU B 223 -6.27 -7.26 -23.44
N ALA B 224 -6.25 -8.55 -23.11
CA ALA B 224 -6.93 -9.02 -21.91
C ALA B 224 -6.32 -8.43 -20.64
N GLY B 225 -4.99 -8.39 -20.56
CA GLY B 225 -4.35 -7.83 -19.37
C GLY B 225 -4.72 -6.37 -19.16
N GLU B 226 -4.67 -5.59 -20.23
CA GLU B 226 -4.97 -4.16 -20.14
C GLU B 226 -6.43 -3.91 -19.77
N ALA B 227 -7.34 -4.74 -20.29
CA ALA B 227 -8.74 -4.62 -19.91
C ALA B 227 -8.91 -4.83 -18.40
N LEU B 228 -8.19 -5.80 -17.83
CA LEU B 228 -8.31 -6.04 -16.40
C LEU B 228 -7.67 -4.91 -15.59
N ALA B 229 -6.48 -4.45 -16.00
CA ALA B 229 -5.75 -3.46 -15.21
C ALA B 229 -6.47 -2.12 -15.17
N THR B 230 -7.17 -1.74 -16.24
CA THR B 230 -7.89 -0.48 -16.28
C THR B 230 -9.32 -0.61 -15.78
N SER B 231 -9.73 -1.81 -15.37
CA SER B 231 -11.13 -2.00 -15.00
C SER B 231 -11.51 -1.15 -13.79
N LYS B 232 -12.69 -0.56 -13.86
CA LYS B 232 -13.26 0.15 -12.73
C LYS B 232 -14.11 -0.75 -11.87
N ARG B 233 -14.09 -2.06 -12.13
CA ARG B 233 -14.92 -3.00 -11.39
C ARG B 233 -14.10 -3.95 -10.53
N ILE B 234 -12.86 -3.58 -10.22
CA ILE B 234 -12.02 -4.35 -9.31
C ILE B 234 -11.63 -3.44 -8.15
N ALA B 235 -11.47 -4.03 -6.97
CA ALA B 235 -11.14 -3.28 -5.77
C ALA B 235 -9.65 -3.25 -5.50
N LYS B 236 -8.87 -4.03 -6.22
CA LYS B 236 -7.45 -4.17 -5.95
C LYS B 236 -6.81 -4.81 -7.17
N ILE B 237 -5.57 -4.46 -7.43
CA ILE B 237 -4.84 -5.05 -8.54
C ILE B 237 -3.49 -5.57 -8.04
N ALA B 238 -3.11 -6.77 -8.47
CA ALA B 238 -1.83 -7.37 -8.12
C ALA B 238 -1.12 -7.80 -9.40
N PHE B 239 0.21 -7.66 -9.41
CA PHE B 239 0.98 -7.90 -10.61
C PHE B 239 2.38 -8.37 -10.26
N THR B 240 2.88 -9.32 -11.03
CA THR B 240 4.30 -9.62 -11.03
C THR B 240 4.75 -9.66 -12.48
N GLY B 241 5.85 -8.98 -12.78
CA GLY B 241 6.33 -8.95 -14.16
C GLY B 241 7.36 -7.86 -14.38
N SER B 242 7.34 -7.30 -15.59
CA SER B 242 8.36 -6.36 -16.03
C SER B 242 8.17 -4.99 -15.40
N THR B 243 9.27 -4.25 -15.32
CA THR B 243 9.21 -2.89 -14.78
C THR B 243 8.30 -1.95 -15.56
N PRO B 244 8.35 -1.88 -16.89
CA PRO B 244 7.45 -0.95 -17.60
C PRO B 244 5.97 -1.25 -17.40
N VAL B 245 5.58 -2.53 -17.43
CA VAL B 245 4.17 -2.86 -17.25
C VAL B 245 3.74 -2.62 -15.81
N GLY B 246 4.61 -2.96 -14.85
CA GLY B 246 4.29 -2.75 -13.45
C GLY B 246 4.05 -1.29 -13.11
N SER B 247 4.93 -0.41 -13.60
CA SER B 247 4.69 1.02 -13.43
C SER B 247 3.35 1.44 -14.03
N HIS B 248 3.05 0.97 -15.25
CA HIS B 248 1.74 1.20 -15.88
C HIS B 248 0.60 0.64 -15.02
N ILE B 249 0.77 -0.55 -14.46
CA ILE B 249 -0.23 -1.09 -13.53
C ILE B 249 -0.46 -0.12 -12.37
N LEU B 250 0.63 0.39 -11.79
CA LEU B 250 0.49 1.31 -10.66
C LEU B 250 -0.24 2.59 -11.10
N LYS B 251 0.00 3.04 -12.34
CA LYS B 251 -0.70 4.21 -12.85
C LYS B 251 -2.19 3.91 -13.06
N CYS B 252 -2.53 2.72 -13.54
CA CYS B 252 -3.92 2.33 -13.68
C CYS B 252 -4.63 2.33 -12.33
N ALA B 253 -3.96 1.82 -11.29
CA ALA B 253 -4.57 1.82 -9.97
C ALA B 253 -4.70 3.25 -9.45
N ALA B 254 -3.69 4.09 -9.72
CA ALA B 254 -3.74 5.50 -9.31
C ALA B 254 -4.98 6.17 -9.86
N GLU B 255 -5.28 5.92 -11.14
CA GLU B 255 -6.43 6.56 -11.78
C GLU B 255 -7.72 6.14 -11.08
N ASN B 256 -7.81 4.87 -10.66
CA ASN B 256 -9.03 4.33 -10.08
C ASN B 256 -9.05 4.37 -8.56
N ILE B 257 -7.98 4.87 -7.91
CA ILE B 257 -7.85 4.93 -6.46
C ILE B 257 -8.06 3.54 -5.83
N ILE B 258 -7.32 2.54 -6.30
CA ILE B 258 -7.42 1.23 -5.67
C ILE B 258 -6.03 0.82 -5.17
N PRO B 259 -5.94 0.04 -4.11
CA PRO B 259 -4.63 -0.47 -3.68
C PRO B 259 -4.02 -1.36 -4.74
N SER B 260 -2.70 -1.43 -4.73
CA SER B 260 -1.96 -2.20 -5.71
C SER B 260 -0.70 -2.74 -5.05
N THR B 261 -0.29 -3.93 -5.47
CA THR B 261 1.02 -4.44 -5.12
C THR B 261 1.67 -4.96 -6.38
N VAL B 262 2.98 -4.75 -6.53
CA VAL B 262 3.71 -5.17 -7.72
C VAL B 262 5.08 -5.69 -7.28
N GLU B 263 5.55 -6.71 -8.00
CA GLU B 263 6.92 -7.22 -7.87
C GLU B 263 7.51 -7.22 -9.27
N LEU B 264 8.62 -6.51 -9.46
CA LEU B 264 9.09 -6.06 -10.76
C LEU B 264 10.50 -6.53 -11.10
N GLY B 265 10.95 -7.65 -10.53
CA GLY B 265 12.26 -8.17 -10.88
C GLY B 265 13.37 -7.56 -10.05
N GLY B 266 14.59 -7.96 -10.38
CA GLY B 266 15.74 -7.48 -9.63
C GLY B 266 17.05 -7.67 -10.37
N LYS B 267 18.15 -7.30 -9.68
CA LYS B 267 19.53 -7.55 -10.11
C LYS B 267 20.30 -7.92 -8.83
N SER B 268 19.96 -9.05 -8.28
CA SER B 268 20.31 -9.37 -6.90
C SER B 268 21.80 -9.73 -6.76
N PRO B 269 22.51 -9.17 -5.78
CA PRO B 269 23.93 -9.52 -5.55
C PRO B 269 24.11 -10.67 -4.57
N ASN B 270 25.06 -11.57 -4.92
CA ASN B 270 25.49 -12.70 -4.11
C ASN B 270 26.89 -12.36 -3.59
N ILE B 271 27.02 -12.09 -2.29
CA ILE B 271 28.21 -11.46 -1.69
C ILE B 271 28.97 -12.52 -0.88
N TYR B 272 30.25 -12.71 -1.21
CA TYR B 272 31.08 -13.78 -0.65
C TYR B 272 32.29 -13.18 0.06
N PHE B 273 32.32 -13.31 1.39
CA PHE B 273 33.42 -12.76 2.15
C PHE B 273 34.51 -13.81 2.36
N GLU B 274 35.73 -13.31 2.61
CA GLU B 274 36.92 -14.14 2.56
C GLU B 274 36.90 -15.22 3.62
N ASP B 275 36.23 -15.00 4.76
CA ASP B 275 36.28 -15.98 5.84
C ASP B 275 35.60 -17.30 5.47
N ILE B 276 34.79 -17.34 4.42
CA ILE B 276 34.15 -18.62 4.10
C ILE B 276 35.18 -19.67 3.68
N MET B 277 36.34 -19.27 3.17
CA MET B 277 37.36 -20.28 2.86
C MET B 277 38.12 -20.77 4.08
N GLN B 278 37.88 -20.19 5.25
CA GLN B 278 38.34 -20.75 6.51
C GLN B 278 37.31 -21.71 7.10
N ALA B 279 36.19 -21.97 6.43
CA ALA B 279 35.12 -22.76 7.02
C ALA B 279 35.28 -24.24 6.68
N GLU B 280 34.25 -25.03 6.97
CA GLU B 280 34.30 -26.45 6.66
C GLU B 280 34.29 -26.66 5.14
N PRO B 281 34.87 -27.76 4.66
CA PRO B 281 34.81 -28.03 3.20
C PRO B 281 33.40 -28.11 2.67
N ALA B 282 32.48 -28.74 3.41
CA ALA B 282 31.09 -28.77 2.99
C ALA B 282 30.53 -27.37 2.83
N PHE B 283 30.90 -26.45 3.73
CA PHE B 283 30.39 -25.09 3.67
C PHE B 283 30.89 -24.36 2.43
N ILE B 284 32.16 -24.58 2.06
CA ILE B 284 32.68 -23.97 0.84
C ILE B 284 31.94 -24.48 -0.38
N GLU B 285 31.64 -25.78 -0.39
CA GLU B 285 30.85 -26.36 -1.45
C GLU B 285 29.46 -25.71 -1.52
N LYS B 286 28.82 -25.54 -0.35
CA LYS B 286 27.50 -24.93 -0.30
C LYS B 286 27.52 -23.52 -0.86
N ALA B 287 28.53 -22.74 -0.49
CA ALA B 287 28.65 -21.39 -1.03
C ALA B 287 28.86 -21.43 -2.54
N ALA B 288 29.65 -22.40 -3.01
CA ALA B 288 29.87 -22.48 -4.45
C ALA B 288 28.59 -22.87 -5.17
N GLU B 289 27.85 -23.83 -4.62
CA GLU B 289 26.54 -24.13 -5.18
C GLU B 289 25.63 -22.90 -5.15
N GLY B 290 25.75 -22.06 -4.11
CA GLY B 290 24.91 -20.88 -4.03
C GLY B 290 25.11 -19.89 -5.16
N LEU B 291 26.33 -19.81 -5.70
CA LEU B 291 26.56 -18.97 -6.87
C LEU B 291 25.96 -19.61 -8.12
N VAL B 292 26.25 -20.90 -8.32
CA VAL B 292 25.72 -21.62 -9.47
C VAL B 292 24.20 -21.80 -9.43
N LEU B 293 23.56 -21.61 -8.26
CA LEU B 293 22.11 -21.63 -8.20
C LEU B 293 21.50 -20.53 -9.07
N ALA B 294 22.29 -19.54 -9.50
CA ALA B 294 21.81 -18.58 -10.48
C ALA B 294 21.19 -19.25 -11.70
N PHE B 295 21.61 -20.46 -12.04
CA PHE B 295 21.07 -21.13 -13.22
C PHE B 295 19.81 -21.93 -12.93
N PHE B 296 19.36 -21.99 -11.68
CA PHE B 296 18.05 -22.54 -11.38
C PHE B 296 16.98 -21.83 -12.20
N ASN B 297 16.02 -22.61 -12.72
CA ASN B 297 14.95 -22.07 -13.59
C ASN B 297 15.52 -21.27 -14.76
N GLN B 298 16.68 -21.69 -15.28
CA GLN B 298 17.31 -21.02 -16.42
C GLN B 298 17.56 -19.56 -16.14
N GLY B 299 17.75 -19.19 -14.87
CA GLY B 299 17.91 -17.80 -14.50
C GLY B 299 16.66 -16.95 -14.60
N GLU B 300 15.50 -17.55 -14.84
CA GLU B 300 14.26 -16.79 -15.02
C GLU B 300 13.58 -16.57 -13.67
N VAL B 301 14.28 -15.83 -12.83
CA VAL B 301 13.85 -15.67 -11.46
C VAL B 301 14.07 -14.23 -11.11
N SCY B 302 13.01 -13.59 -10.63
CA SCY B 302 13.10 -12.22 -10.19
CB SCY B 302 11.82 -11.80 -9.48
SG SCY B 302 11.34 -12.87 -8.10
CD SCY B 302 10.49 -14.19 -8.83
OCD SCY B 302 10.17 -14.29 -10.02
CE SCY B 302 10.19 -15.30 -7.85
C SCY B 302 14.32 -11.99 -9.22
O SCY B 302 14.98 -10.93 -9.30
N THR B 303 14.63 -12.96 -8.36
CA THR B 303 15.77 -12.84 -7.47
C THR B 303 16.95 -13.73 -7.88
N CYS B 304 17.05 -14.04 -9.17
CA CYS B 304 18.24 -14.71 -9.67
C CYS B 304 19.49 -13.98 -9.18
N PRO B 305 20.43 -14.67 -8.53
CA PRO B 305 21.64 -13.98 -8.04
C PRO B 305 22.57 -13.70 -9.22
N SER B 306 22.24 -12.64 -9.95
CA SER B 306 22.84 -12.38 -11.25
C SER B 306 24.09 -11.53 -11.15
N ARG B 307 24.40 -11.00 -9.98
CA ARG B 307 25.69 -10.35 -9.72
C ARG B 307 26.36 -11.12 -8.58
N ALA B 308 27.54 -11.65 -8.84
CA ALA B 308 28.35 -12.30 -7.80
C ALA B 308 29.46 -11.36 -7.38
N LEU B 309 29.51 -11.04 -6.08
CA LEU B 309 30.48 -10.13 -5.51
C LEU B 309 31.41 -10.97 -4.65
N VAL B 310 32.65 -11.15 -5.11
CA VAL B 310 33.59 -12.02 -4.42
C VAL B 310 34.71 -11.17 -3.85
N GLN B 311 34.98 -11.31 -2.55
CA GLN B 311 36.12 -10.61 -1.98
C GLN B 311 37.38 -11.01 -2.73
N GLU B 312 38.17 -10.01 -3.13
CA GLU B 312 39.24 -10.29 -4.08
C GLU B 312 40.31 -11.20 -3.49
N SER B 313 40.49 -11.19 -2.16
CA SER B 313 41.49 -12.04 -1.53
C SER B 313 41.23 -13.53 -1.72
N ILE B 314 40.01 -13.94 -2.03
CA ILE B 314 39.68 -15.35 -2.24
C ILE B 314 39.17 -15.60 -3.64
N TYR B 315 39.19 -14.59 -4.51
CA TYR B 315 38.60 -14.78 -5.84
C TYR B 315 39.21 -15.95 -6.58
N PRO B 316 40.53 -16.11 -6.68
CA PRO B 316 41.06 -17.29 -7.42
C PRO B 316 40.64 -18.60 -6.79
N ALA B 317 40.84 -18.73 -5.49
CA ALA B 317 40.52 -20.00 -4.84
C ALA B 317 39.05 -20.35 -4.96
N PHE B 318 38.16 -19.37 -4.75
CA PHE B 318 36.73 -19.66 -4.71
C PHE B 318 36.16 -19.92 -6.11
N MET B 319 36.65 -19.22 -7.13
CA MET B 319 36.16 -19.47 -8.48
C MET B 319 36.56 -20.86 -8.98
N GLU B 320 37.64 -21.44 -8.46
CA GLU B 320 37.93 -22.83 -8.80
C GLU B 320 36.81 -23.73 -8.33
N GLU B 321 36.31 -23.50 -7.11
CA GLU B 321 35.20 -24.31 -6.61
C GLU B 321 33.94 -24.06 -7.44
N VAL B 322 33.70 -22.81 -7.84
CA VAL B 322 32.52 -22.49 -8.63
C VAL B 322 32.57 -23.18 -9.99
N LEU B 323 33.72 -23.11 -10.67
CA LEU B 323 33.78 -23.66 -12.02
C LEU B 323 33.68 -25.18 -12.02
N LYS B 324 34.14 -25.84 -10.96
CA LYS B 324 33.88 -27.28 -10.84
C LYS B 324 32.41 -27.59 -10.96
N LYS B 325 31.56 -26.77 -10.33
CA LYS B 325 30.13 -27.04 -10.33
C LYS B 325 29.48 -26.59 -11.64
N VAL B 326 29.94 -25.47 -12.19
CA VAL B 326 29.44 -25.01 -13.49
C VAL B 326 29.64 -26.09 -14.55
N ARG B 327 30.82 -26.73 -14.55
CA ARG B 327 31.13 -27.74 -15.57
C ARG B 327 30.29 -29.01 -15.40
N ALA B 328 29.70 -29.22 -14.24
CA ALA B 328 28.96 -30.45 -13.99
C ALA B 328 27.49 -30.33 -14.36
N ILE B 329 27.06 -29.22 -14.96
CA ILE B 329 25.63 -29.05 -15.23
C ILE B 329 25.24 -29.90 -16.44
N LYS B 330 24.34 -30.86 -16.23
CA LYS B 330 23.86 -31.75 -17.28
C LYS B 330 22.71 -31.11 -18.06
N ARG B 331 22.84 -31.11 -19.38
CA ARG B 331 21.78 -30.66 -20.27
C ARG B 331 21.10 -31.87 -20.91
N GLY B 332 19.94 -31.64 -21.48
CA GLY B 332 19.20 -32.72 -22.11
C GLY B 332 17.69 -32.49 -22.03
N ASP B 333 16.97 -33.58 -22.16
CA ASP B 333 15.51 -33.54 -22.15
C ASP B 333 15.01 -33.00 -20.80
N PRO B 334 14.28 -31.89 -20.79
CA PRO B 334 13.77 -31.39 -19.49
C PRO B 334 12.90 -32.39 -18.74
N LEU B 335 12.28 -33.37 -19.41
CA LEU B 335 11.49 -34.39 -18.74
C LEU B 335 12.36 -35.51 -18.16
N ASP B 336 13.67 -35.34 -18.20
CA ASP B 336 14.58 -36.24 -17.54
C ASP B 336 15.00 -35.61 -16.22
N THR B 337 14.73 -36.31 -15.11
CA THR B 337 15.06 -35.81 -13.79
C THR B 337 16.55 -35.56 -13.59
N GLU B 338 17.39 -36.00 -14.53
CA GLU B 338 18.82 -35.73 -14.45
C GLU B 338 19.20 -34.41 -15.10
N THR B 339 18.34 -33.86 -15.95
CA THR B 339 18.63 -32.56 -16.54
C THR B 339 18.61 -31.51 -15.45
N MET B 340 19.65 -30.67 -15.41
CA MET B 340 19.78 -29.70 -14.34
C MET B 340 19.40 -28.29 -14.76
N VAL B 341 19.35 -28.01 -16.06
CA VAL B 341 18.90 -26.72 -16.56
C VAL B 341 18.04 -26.97 -17.79
N GLY B 342 16.81 -26.47 -17.78
CA GLY B 342 15.87 -26.72 -18.86
C GLY B 342 15.94 -25.67 -19.96
N ALA B 343 14.83 -25.53 -20.67
CA ALA B 343 14.72 -24.59 -21.77
C ALA B 343 14.25 -23.22 -21.29
N GLN B 344 14.67 -22.17 -21.99
CA GLN B 344 14.06 -20.87 -21.79
C GLN B 344 12.60 -20.92 -22.21
N ALA B 345 11.83 -19.93 -21.74
CA ALA B 345 10.38 -20.04 -21.80
C ALA B 345 9.80 -19.73 -23.17
N SER B 346 10.47 -18.88 -23.95
CA SER B 346 9.92 -18.39 -25.21
C SER B 346 11.07 -17.97 -26.10
N GLN B 347 10.77 -17.83 -27.40
CA GLN B 347 11.76 -17.32 -28.35
C GLN B 347 12.16 -15.88 -28.01
N GLN B 348 11.18 -15.06 -27.59
CA GLN B 348 11.49 -13.67 -27.26
C GLN B 348 12.47 -13.57 -26.10
N GLN B 349 12.28 -14.40 -25.06
CA GLN B 349 13.19 -14.42 -23.92
C GLN B 349 14.56 -14.97 -24.31
N TYR B 350 14.56 -16.10 -25.02
CA TYR B 350 15.76 -16.67 -25.61
C TYR B 350 16.57 -15.64 -26.40
N GLU B 351 15.89 -14.91 -27.29
CA GLU B 351 16.58 -13.89 -28.06
C GLU B 351 17.04 -12.72 -27.20
N LYS B 352 16.24 -12.34 -26.20
CA LYS B 352 16.67 -11.29 -25.27
C LYS B 352 17.98 -11.64 -24.58
N ILE B 353 18.12 -12.89 -24.13
CA ILE B 353 19.36 -13.29 -23.45
C ILE B 353 20.53 -13.24 -24.42
N LEU B 354 20.32 -13.75 -25.65
CA LEU B 354 21.39 -13.75 -26.65
C LEU B 354 21.84 -12.32 -26.96
N SER B 355 20.89 -11.37 -27.00
CA SER B 355 21.27 -9.97 -27.15
C SER B 355 22.20 -9.54 -26.03
N TYR B 356 21.89 -9.94 -24.79
CA TYR B 356 22.68 -9.46 -23.67
C TYR B 356 24.07 -10.08 -23.68
N LEU B 357 24.19 -11.34 -24.11
CA LEU B 357 25.53 -11.92 -24.25
C LEU B 357 26.32 -11.14 -25.28
N ASP B 358 25.64 -10.67 -26.32
CA ASP B 358 26.30 -9.85 -27.30
C ASP B 358 26.71 -8.51 -26.73
N ILE B 359 25.80 -7.85 -26.01
CA ILE B 359 26.13 -6.57 -25.37
C ILE B 359 27.31 -6.74 -24.42
N ALA B 360 27.37 -7.89 -23.73
CA ALA B 360 28.44 -8.14 -22.76
C ALA B 360 29.81 -8.21 -23.45
N GLN B 361 29.90 -8.96 -24.56
CA GLN B 361 31.13 -8.98 -25.37
C GLN B 361 31.56 -7.57 -25.73
N GLN B 362 30.66 -6.77 -26.31
CA GLN B 362 31.02 -5.43 -26.80
C GLN B 362 31.48 -4.51 -25.70
N GLU B 363 31.00 -4.69 -24.47
CA GLU B 363 31.40 -3.78 -23.41
C GLU B 363 32.58 -4.32 -22.59
N GLY B 364 33.18 -5.41 -23.02
CA GLY B 364 34.40 -5.87 -22.40
C GLY B 364 34.25 -6.90 -21.31
N ALA B 365 33.06 -7.47 -21.11
CA ALA B 365 32.91 -8.53 -20.12
C ALA B 365 33.63 -9.78 -20.59
N GLU B 366 34.32 -10.44 -19.67
CA GLU B 366 35.15 -11.60 -19.98
C GLU B 366 34.41 -12.90 -19.70
N LEU B 367 34.32 -13.77 -20.70
CA LEU B 367 33.62 -15.04 -20.56
C LEU B 367 34.45 -15.99 -19.72
N LEU B 368 33.87 -16.48 -18.62
CA LEU B 368 34.50 -17.50 -17.80
C LEU B 368 33.93 -18.87 -18.06
N ALA B 369 32.78 -18.95 -18.72
CA ALA B 369 32.10 -20.21 -19.02
C ALA B 369 30.90 -19.90 -19.91
N GLY B 370 30.52 -20.87 -20.72
CA GLY B 370 29.32 -20.74 -21.53
C GLY B 370 29.43 -19.60 -22.51
N GLY B 371 28.30 -18.93 -22.75
CA GLY B 371 28.26 -17.78 -23.64
C GLY B 371 27.55 -17.98 -24.96
N SER B 372 27.08 -19.20 -25.27
CA SER B 372 26.43 -19.47 -26.55
C SER B 372 25.15 -20.28 -26.32
N VAL B 373 24.39 -20.45 -27.41
CA VAL B 373 23.27 -21.39 -27.37
C VAL B 373 23.80 -22.78 -27.02
N GLU B 374 22.90 -23.61 -26.51
CA GLU B 374 23.12 -25.02 -26.31
C GLU B 374 22.35 -25.73 -27.42
N LYS B 375 23.07 -26.41 -28.32
CA LYS B 375 22.44 -27.14 -29.41
C LYS B 375 22.22 -28.58 -28.94
N LEU B 376 20.95 -28.96 -28.81
CA LEU B 376 20.57 -30.24 -28.23
C LEU B 376 20.00 -31.17 -29.30
N GLU B 377 19.97 -32.46 -28.97
CA GLU B 377 19.73 -33.52 -29.93
C GLU B 377 18.25 -33.69 -30.27
N GLY B 378 17.98 -34.11 -31.50
CA GLY B 378 16.67 -34.65 -31.80
C GLY B 378 15.59 -33.60 -31.73
N ASN B 379 14.51 -33.92 -31.03
CA ASN B 379 13.38 -33.01 -30.97
C ASN B 379 13.69 -31.75 -30.17
N LEU B 380 14.68 -31.81 -29.28
CA LEU B 380 15.10 -30.65 -28.51
C LEU B 380 15.75 -29.58 -29.37
N ALA B 381 16.19 -29.91 -30.59
CA ALA B 381 16.88 -28.93 -31.43
C ALA B 381 16.01 -27.70 -31.71
N SER B 382 14.69 -27.89 -31.72
CA SER B 382 13.69 -26.85 -31.91
C SER B 382 13.32 -26.12 -30.62
N GLY B 383 13.86 -26.53 -29.46
CA GLY B 383 13.66 -25.81 -28.22
C GLY B 383 14.66 -24.68 -28.03
N TYR B 384 14.55 -24.01 -26.87
CA TYR B 384 15.33 -22.80 -26.57
C TYR B 384 16.26 -23.11 -25.40
N TYR B 385 17.53 -23.35 -25.69
CA TYR B 385 18.50 -23.71 -24.65
C TYR B 385 19.73 -22.84 -24.80
N ILE B 386 20.21 -22.31 -23.68
CA ILE B 386 21.38 -21.46 -23.64
C ILE B 386 22.32 -22.03 -22.59
N GLN B 387 23.61 -21.87 -22.82
CA GLN B 387 24.59 -22.41 -21.89
C GLN B 387 24.62 -21.59 -20.59
N PRO B 388 24.81 -22.25 -19.45
CA PRO B 388 25.09 -21.51 -18.20
C PRO B 388 26.31 -20.63 -18.40
N THR B 389 26.16 -19.34 -18.14
CA THR B 389 27.16 -18.36 -18.53
C THR B 389 27.66 -17.56 -17.34
N LEU B 390 28.97 -17.37 -17.30
CA LEU B 390 29.66 -16.67 -16.23
C LEU B 390 30.54 -15.62 -16.88
N LEU B 391 30.29 -14.35 -16.55
CA LEU B 391 31.02 -13.23 -17.12
C LEU B 391 31.74 -12.50 -16.01
N LYS B 392 33.00 -12.17 -16.21
CA LYS B 392 33.73 -11.35 -15.26
C LYS B 392 33.69 -9.91 -15.74
N GLY B 393 33.42 -8.97 -14.84
CA GLY B 393 33.28 -7.59 -15.24
C GLY B 393 33.29 -6.62 -14.09
N HIS B 394 32.63 -5.48 -14.26
CA HIS B 394 32.47 -4.55 -13.14
C HIS B 394 31.04 -4.02 -13.15
N ASN B 395 30.62 -3.49 -12.00
CA ASN B 395 29.21 -3.22 -11.73
C ASN B 395 28.61 -2.14 -12.63
N GLY B 396 29.42 -1.29 -13.25
CA GLY B 396 28.93 -0.25 -14.14
C GLY B 396 28.50 -0.74 -15.50
N MET B 397 28.84 -1.96 -15.88
CA MET B 397 28.46 -2.46 -17.19
C MET B 397 26.95 -2.69 -17.28
N ARG B 398 26.42 -2.59 -18.51
CA ARG B 398 25.00 -2.83 -18.74
C ARG B 398 24.57 -4.20 -18.23
N VAL B 399 25.39 -5.23 -18.43
CA VAL B 399 24.97 -6.57 -18.03
C VAL B 399 25.01 -6.75 -16.52
N PHE B 400 25.69 -5.86 -15.79
CA PHE B 400 25.62 -5.86 -14.34
C PHE B 400 24.46 -5.00 -13.82
N GLN B 401 23.87 -4.15 -14.65
CA GLN B 401 22.80 -3.27 -14.21
C GLN B 401 21.42 -3.70 -14.68
N GLU B 402 21.30 -4.29 -15.87
CA GLU B 402 20.00 -4.57 -16.45
C GLU B 402 19.63 -6.04 -16.24
N GLU B 403 18.36 -6.28 -15.99
CA GLU B 403 17.91 -7.64 -15.72
C GLU B 403 17.88 -8.45 -17.02
N ILE B 404 18.66 -9.54 -17.05
CA ILE B 404 18.75 -10.36 -18.25
C ILE B 404 17.69 -11.44 -18.26
N PHE B 405 17.51 -12.12 -17.12
CA PHE B 405 16.49 -13.15 -16.94
C PHE B 405 16.83 -14.39 -17.79
N GLY B 406 18.11 -14.70 -17.86
CA GLY B 406 18.58 -15.94 -18.42
C GLY B 406 19.68 -16.46 -17.53
N PRO B 407 20.27 -17.58 -17.90
CA PRO B 407 21.31 -18.22 -17.05
C PRO B 407 22.68 -17.55 -17.19
N VAL B 408 22.77 -16.33 -16.67
CA VAL B 408 23.94 -15.47 -16.84
C VAL B 408 24.24 -14.81 -15.52
N VAL B 409 25.48 -14.96 -15.04
CA VAL B 409 25.97 -14.30 -13.84
C VAL B 409 27.16 -13.43 -14.20
N GLY B 410 27.14 -12.19 -13.73
CA GLY B 410 28.31 -11.34 -13.77
C GLY B 410 29.02 -11.39 -12.43
N VAL B 411 30.32 -11.68 -12.46
CA VAL B 411 31.14 -11.76 -11.27
C VAL B 411 32.10 -10.57 -11.25
N THR B 412 32.25 -9.96 -10.08
CA THR B 412 33.18 -8.88 -9.88
C THR B 412 33.72 -9.06 -8.45
N THR B 413 34.73 -8.25 -8.09
CA THR B 413 35.37 -8.33 -6.78
C THR B 413 35.22 -7.03 -5.99
N PHE B 414 35.52 -7.13 -4.70
CA PHE B 414 35.60 -5.98 -3.80
C PHE B 414 36.76 -6.19 -2.84
N LYS B 415 37.28 -5.08 -2.29
CA LYS B 415 38.38 -5.15 -1.34
C LYS B 415 37.87 -5.42 0.07
N ASP B 416 36.95 -4.60 0.57
CA ASP B 416 36.53 -4.72 1.96
C ASP B 416 35.01 -4.59 2.06
N GLU B 417 34.52 -4.69 3.30
CA GLU B 417 33.08 -4.69 3.57
C GLU B 417 32.40 -3.45 3.00
N ALA B 418 32.98 -2.26 3.28
CA ALA B 418 32.41 -1.02 2.76
C ALA B 418 32.21 -1.09 1.26
N GLU B 419 33.18 -1.68 0.54
CA GLU B 419 33.04 -1.75 -0.90
C GLU B 419 31.99 -2.76 -1.31
N ALA B 420 31.91 -3.89 -0.62
CA ALA B 420 30.89 -4.88 -0.94
C ALA B 420 29.49 -4.27 -0.78
N LEU B 421 29.25 -3.54 0.30
CA LEU B 421 27.96 -2.90 0.50
C LEU B 421 27.66 -1.87 -0.60
N ALA B 422 28.64 -1.05 -0.98
CA ALA B 422 28.40 -0.03 -2.00
C ALA B 422 28.06 -0.66 -3.34
N ILE B 423 28.85 -1.64 -3.77
CA ILE B 423 28.55 -2.30 -5.03
C ILE B 423 27.20 -3.00 -4.94
N ALA B 424 26.94 -3.73 -3.84
CA ALA B 424 25.67 -4.44 -3.69
C ALA B 424 24.47 -3.50 -3.85
N ASN B 425 24.56 -2.29 -3.30
CA ASN B 425 23.45 -1.34 -3.32
C ASN B 425 23.47 -0.45 -4.54
N ASP B 426 24.47 -0.58 -5.39
CA ASP B 426 24.57 0.20 -6.63
C ASP B 426 23.66 -0.44 -7.68
N THR B 427 22.36 -0.26 -7.48
CA THR B 427 21.35 -0.79 -8.39
C THR B 427 20.06 -0.03 -8.14
N GLU B 428 19.19 0.02 -9.16
CA GLU B 428 17.86 0.57 -8.98
C GLU B 428 16.91 -0.43 -8.36
N TYR B 429 17.29 -1.70 -8.36
CA TYR B 429 16.51 -2.80 -7.85
C TYR B 429 16.77 -3.01 -6.35
N GLY B 430 16.00 -3.93 -5.77
CA GLY B 430 16.12 -4.23 -4.35
C GLY B 430 15.24 -5.38 -3.91
N LEU B 431 15.29 -6.47 -4.66
CA LEU B 431 14.40 -7.57 -4.32
C LEU B 431 15.07 -8.60 -3.43
N GLY B 432 16.32 -8.96 -3.72
CA GLY B 432 16.99 -9.97 -2.94
C GLY B 432 18.48 -9.77 -2.89
N ALA B 433 19.12 -10.54 -2.04
CA ALA B 433 20.57 -10.55 -1.95
C ALA B 433 20.99 -11.85 -1.29
N GLY B 434 22.20 -12.29 -1.60
CA GLY B 434 22.82 -13.44 -0.95
C GLY B 434 24.02 -12.94 -0.16
N LEU B 435 24.27 -13.54 0.99
CA LEU B 435 25.30 -13.02 1.88
C LEU B 435 25.98 -14.20 2.53
N TRP B 436 27.29 -14.36 2.29
CA TRP B 436 28.04 -15.54 2.76
C TRP B 436 29.21 -15.08 3.62
N THR B 437 29.07 -15.31 4.92
CA THR B 437 30.05 -14.98 5.94
C THR B 437 29.66 -15.73 7.22
N ARG B 438 30.67 -16.15 7.97
CA ARG B 438 30.42 -16.87 9.21
C ARG B 438 30.68 -16.02 10.45
N ASP B 439 31.04 -14.75 10.27
CA ASP B 439 31.20 -13.82 11.39
C ASP B 439 29.82 -13.23 11.69
N ILE B 440 29.30 -13.54 12.88
CA ILE B 440 27.94 -13.15 13.26
C ILE B 440 27.72 -11.65 13.08
N ASN B 441 28.76 -10.82 13.36
CA ASN B 441 28.60 -9.36 13.31
C ASN B 441 28.56 -8.85 11.88
N ARG B 442 29.39 -9.42 11.01
CA ARG B 442 29.34 -9.02 9.61
C ARG B 442 28.03 -9.48 8.96
N ALA B 443 27.57 -10.68 9.31
CA ALA B 443 26.30 -11.16 8.78
C ALA B 443 25.18 -10.21 9.16
N TYR B 444 25.19 -9.72 10.39
CA TYR B 444 24.13 -8.80 10.79
C TYR B 444 24.29 -7.43 10.12
N ARG B 445 25.52 -6.87 10.14
CA ARG B 445 25.76 -5.54 9.58
C ARG B 445 25.36 -5.48 8.10
N MET B 446 25.86 -6.45 7.30
CA MET B 446 25.51 -6.46 5.88
C MET B 446 24.04 -6.77 5.68
N GLY B 447 23.49 -7.67 6.49
CA GLY B 447 22.07 -7.97 6.38
C GLY B 447 21.20 -6.75 6.55
N ARG B 448 21.57 -5.87 7.51
CA ARG B 448 20.85 -4.61 7.69
C ARG B 448 21.21 -3.60 6.63
N GLY B 449 22.46 -3.60 6.16
CA GLY B 449 22.91 -2.57 5.25
C GLY B 449 22.43 -2.73 3.82
N ILE B 450 22.19 -3.97 3.39
CA ILE B 450 21.71 -4.23 2.02
C ILE B 450 20.27 -3.76 1.86
N LYS B 451 20.01 -3.00 0.80
CA LYS B 451 18.66 -2.48 0.51
C LYS B 451 17.91 -3.47 -0.35
N ALA B 452 17.37 -4.50 0.28
CA ALA B 452 16.64 -5.51 -0.47
C ALA B 452 15.63 -6.17 0.45
N GLY B 453 14.50 -6.62 -0.12
CA GLY B 453 13.47 -7.21 0.72
C GLY B 453 13.92 -8.46 1.45
N ARG B 454 14.72 -9.31 0.79
CA ARG B 454 15.22 -10.54 1.39
C ARG B 454 16.73 -10.61 1.30
N VAL B 455 17.37 -10.93 2.43
CA VAL B 455 18.79 -11.25 2.42
C VAL B 455 18.90 -12.70 2.86
N TRP B 456 19.14 -13.59 1.90
CA TRP B 456 19.53 -14.96 2.20
C TRP B 456 20.91 -14.96 2.82
N THR B 457 21.05 -15.52 4.01
CA THR B 457 22.33 -15.53 4.70
C THR B 457 22.84 -16.96 4.73
N ASN B 458 23.96 -17.21 4.04
CA ASN B 458 24.57 -18.55 3.98
C ASN B 458 23.61 -19.58 3.38
N CYS B 459 22.83 -19.14 2.40
CA CYS B 459 21.97 -19.98 1.57
C CYS B 459 21.53 -19.12 0.40
N TYR B 460 20.83 -19.73 -0.56
CA TYR B 460 20.18 -18.94 -1.59
C TYR B 460 19.01 -19.73 -2.15
N HIS B 461 18.01 -19.00 -2.63
CA HIS B 461 16.90 -19.54 -3.42
C HIS B 461 15.97 -20.41 -2.61
N LEU B 462 15.80 -20.06 -1.34
CA LEU B 462 14.76 -20.64 -0.50
C LEU B 462 13.54 -19.71 -0.54
N TYR B 463 12.39 -20.26 -0.90
CA TYR B 463 11.15 -19.49 -0.95
C TYR B 463 10.06 -20.15 -0.12
N PRO B 464 10.32 -20.42 1.15
CA PRO B 464 9.27 -21.02 1.99
C PRO B 464 8.13 -20.03 2.18
N ALA B 465 6.93 -20.56 2.40
CA ALA B 465 5.90 -19.73 2.99
C ALA B 465 6.37 -19.30 4.37
N HIS B 466 5.80 -18.19 4.87
CA HIS B 466 6.08 -17.61 6.19
C HIS B 466 7.38 -16.81 6.23
N ALA B 467 7.87 -16.37 5.07
CA ALA B 467 9.00 -15.46 4.96
C ALA B 467 8.61 -14.40 3.94
N ALA B 468 8.53 -13.15 4.35
CA ALA B 468 7.98 -12.11 3.50
C ALA B 468 8.90 -11.80 2.31
N PHE B 469 8.29 -11.66 1.15
CA PHE B 469 9.02 -11.50 -0.12
C PHE B 469 8.49 -10.27 -0.85
N GLY B 470 9.37 -9.32 -1.14
CA GLY B 470 8.94 -8.11 -1.83
C GLY B 470 10.08 -7.11 -1.94
N GLY B 471 9.79 -6.02 -2.64
CA GLY B 471 10.84 -5.14 -3.12
C GLY B 471 11.17 -3.96 -2.22
N TYR B 472 12.45 -3.60 -2.19
CA TYR B 472 12.88 -2.23 -1.95
C TYR B 472 13.06 -1.55 -3.30
N LYS B 473 13.01 -0.22 -3.27
CA LYS B 473 13.37 0.62 -4.44
C LYS B 473 12.50 0.24 -5.63
N LYS B 474 13.05 -0.01 -6.82
CA LYS B 474 12.23 -0.24 -8.00
C LYS B 474 11.78 -1.68 -8.14
N SER B 475 12.15 -2.56 -7.22
CA SER B 475 11.68 -3.94 -7.35
C SER B 475 10.19 -4.10 -7.00
N GLY B 476 9.54 -3.07 -6.46
CA GLY B 476 8.10 -3.13 -6.30
C GLY B 476 7.65 -2.61 -4.95
N VAL B 477 6.36 -2.83 -4.66
CA VAL B 477 5.74 -2.42 -3.40
C VAL B 477 4.83 -3.55 -2.92
N GLY B 478 4.86 -3.82 -1.62
CA GLY B 478 4.07 -4.88 -1.01
C GLY B 478 4.90 -6.11 -0.69
N ARG B 479 4.27 -7.06 -0.01
CA ARG B 479 4.94 -8.31 0.33
C ARG B 479 4.07 -9.49 -0.04
N GLU B 480 4.73 -10.62 -0.35
CA GLU B 480 4.05 -11.88 -0.61
C GLU B 480 4.65 -12.96 0.27
N THR B 481 4.08 -14.17 0.14
CA THR B 481 4.52 -15.43 0.77
C THR B 481 4.58 -15.33 2.29
N HIS B 482 3.72 -14.51 2.87
CA HIS B 482 3.71 -14.31 4.31
C HIS B 482 2.34 -13.77 4.71
N LYS B 483 1.89 -14.18 5.89
CA LYS B 483 0.55 -13.84 6.38
C LYS B 483 0.28 -12.33 6.42
N MET B 484 1.31 -11.49 6.58
CA MET B 484 1.12 -10.05 6.53
C MET B 484 0.49 -9.60 5.24
N MET B 485 0.66 -10.35 4.17
CA MET B 485 0.03 -9.98 2.90
C MET B 485 -1.49 -9.99 2.96
N LEU B 486 -2.10 -10.72 3.90
CA LEU B 486 -3.56 -10.75 3.97
C LEU B 486 -4.14 -9.33 4.02
N ASP B 487 -3.38 -8.38 4.56
CA ASP B 487 -3.83 -7.00 4.61
C ASP B 487 -3.86 -6.35 3.25
N HIS B 488 -3.06 -6.82 2.29
CA HIS B 488 -3.21 -6.36 0.92
C HIS B 488 -4.53 -6.82 0.30
N TYR B 489 -5.16 -7.84 0.88
CA TYR B 489 -6.34 -8.46 0.30
C TYR B 489 -7.58 -8.24 1.15
N GLN B 490 -7.51 -7.30 2.11
CA GLN B 490 -8.62 -7.01 3.00
C GLN B 490 -8.67 -5.51 3.30
N GLN B 491 -9.84 -5.07 3.76
CA GLN B 491 -10.06 -3.71 4.26
C GLN B 491 -10.24 -3.78 5.77
N THR B 492 -9.84 -2.72 6.46
CA THR B 492 -10.04 -2.62 7.90
C THR B 492 -11.31 -1.83 8.15
N LYS B 493 -12.28 -2.47 8.80
CA LYS B 493 -13.51 -1.82 9.22
C LYS B 493 -13.36 -1.45 10.69
N ASN B 494 -13.34 -0.16 10.98
CA ASN B 494 -13.27 0.32 12.36
C ASN B 494 -14.70 0.64 12.85
N LEU B 495 -15.27 -0.22 13.70
CA LEU B 495 -16.50 0.13 14.42
C LEU B 495 -16.06 0.87 15.67
N LEU B 496 -16.32 2.17 15.74
CA LEU B 496 -15.96 2.98 16.91
C LEU B 496 -17.28 3.20 17.66
N VAL B 497 -17.48 2.42 18.72
CA VAL B 497 -18.77 2.31 19.39
C VAL B 497 -18.73 3.05 20.71
N SER B 498 -19.70 3.96 20.91
CA SER B 498 -19.90 4.63 22.19
C SER B 498 -21.08 4.01 22.93
N TYR B 499 -20.88 3.68 24.21
CA TYR B 499 -21.93 3.11 25.04
C TYR B 499 -22.46 4.11 26.04
N ASP B 500 -22.05 5.37 25.90
CA ASP B 500 -22.55 6.45 26.74
C ASP B 500 -23.75 7.09 26.05
N ILE B 501 -24.81 7.38 26.83
CA ILE B 501 -26.01 7.97 26.24
C ILE B 501 -26.02 9.50 26.22
N ASN B 502 -24.92 10.20 26.74
CA ASN B 502 -25.07 11.64 26.89
C ASN B 502 -24.45 12.42 25.73
N PRO B 503 -25.01 13.59 25.42
CA PRO B 503 -24.41 14.48 24.42
C PRO B 503 -22.99 14.90 24.82
N LEU B 504 -22.20 15.31 23.82
CA LEU B 504 -20.82 15.70 24.08
C LEU B 504 -20.70 17.07 24.72
N GLY B 505 -21.66 17.95 24.49
CA GLY B 505 -21.56 19.32 24.94
C GLY B 505 -21.12 20.31 23.89
N PHE B 506 -21.07 19.92 22.62
CA PHE B 506 -20.69 20.86 21.56
C PHE B 506 -21.88 21.47 20.85
N PHE B 507 -22.96 20.72 20.67
CA PHE B 507 -24.12 21.25 19.97
C PHE B 507 -25.42 20.80 20.65
PA NAD C . -5.79 20.34 -2.58
O1A NAD C . -5.93 18.86 -2.86
O2A NAD C . -5.59 21.10 -3.87
O5B NAD C . -4.56 20.76 -1.53
C5B NAD C . -4.18 20.00 -0.38
C4B NAD C . -2.62 20.07 -0.30
O4B NAD C . -2.01 19.53 -1.71
C3B NAD C . -2.14 21.33 -0.16
O3B NAD C . -0.93 21.28 0.56
C2B NAD C . -1.79 21.80 -1.57
O2B NAD C . -0.78 22.79 -1.63
C1B NAD C . -1.22 20.47 -2.17
N9A NAD C . -1.23 20.36 -3.63
C8A NAD C . -2.10 20.94 -4.44
N7A NAD C . -1.82 20.62 -5.70
C5A NAD C . -0.74 19.82 -5.69
C6A NAD C . 0.07 19.17 -6.65
N6A NAD C . -0.25 19.28 -8.06
N1A NAD C . 1.11 18.44 -6.27
C2A NAD C . 1.41 18.31 -4.99
N3A NAD C . 0.70 18.92 -4.06
C4A NAD C . -0.36 19.66 -4.37
O3 NAD C . -7.23 20.77 -1.91
PN NAD C . -7.81 22.30 -1.90
O1N NAD C . -7.61 22.89 -3.28
O2N NAD C . -7.07 23.08 -0.86
O5D NAD C . -9.43 22.18 -1.57
C5D NAD C . -10.24 21.65 -2.61
C4D NAD C . -11.22 20.63 -1.99
O4D NAD C . -10.43 19.38 -1.52
C3D NAD C . -11.84 21.06 -0.86
O3D NAD C . -12.95 21.92 -1.05
C2D NAD C . -12.31 19.69 -0.19
O2D NAD C . -13.42 19.21 -0.92
C1D NAD C . -11.26 18.87 -0.32
N1N NAD C . -10.21 18.74 0.72
C2N NAD C . -10.23 17.62 1.45
C3N NAD C . -9.39 17.43 2.54
C7N NAD C . -9.40 16.09 3.29
O7N NAD C . -9.53 15.06 2.69
N7N NAD C . -9.27 16.05 4.73
C4N NAD C . -8.53 18.47 2.92
C5N NAD C . -8.56 19.68 2.16
C6N NAD C . -9.43 19.77 1.07
C1 GOL D . -33.56 1.93 25.50
O1 GOL D . -33.84 1.30 24.26
C2 GOL D . -34.78 1.91 26.45
O2 GOL D . -36.01 1.96 25.75
C3 GOL D . -34.68 3.07 27.46
O3 GOL D . -35.95 3.64 27.63
C1 GOL E . -15.20 16.00 20.21
O1 GOL E . -14.67 15.22 21.26
C2 GOL E . -14.10 16.69 19.41
O2 GOL E . -12.91 15.95 19.50
C3 GOL E . -14.50 16.82 17.93
O3 GOL E . -13.35 16.84 17.11
MG MG F . -5.89 23.26 -4.80
PA NAD G . 5.15 -8.96 -18.46
O1A NAD G . 5.14 -8.35 -17.08
O2A NAD G . 4.65 -7.94 -19.46
O5B NAD G . 4.17 -10.30 -18.50
C5B NAD G . 3.63 -10.78 -17.27
C4B NAD G . 2.12 -10.41 -17.25
O4B NAD G . 1.91 -8.88 -17.73
C3B NAD G . 1.42 -11.20 -18.09
O3B NAD G . 0.42 -11.91 -17.40
C2B NAD G . 0.77 -10.29 -19.10
O2B NAD G . 1.56 -10.24 -20.27
C1B NAD G . 0.78 -8.89 -18.36
N9A NAD G . 0.71 -7.63 -19.13
C8A NAD G . 1.49 -7.28 -20.13
N7A NAD G . 1.11 -6.08 -20.57
C5A NAD G . 0.08 -5.65 -19.83
C6A NAD G . -0.74 -4.51 -19.79
N6A NAD G . -0.52 -3.41 -20.74
N1A NAD G . -1.71 -4.41 -18.89
C2A NAD G . -1.91 -5.40 -18.02
N3A NAD G . -1.17 -6.50 -18.02
C4A NAD G . -0.18 -6.66 -18.91
O3 NAD G . 6.70 -9.41 -18.85
PN NAD G . 7.09 -10.08 -20.30
O1N NAD G . 6.63 -9.15 -21.41
O2N NAD G . 6.40 -11.42 -20.45
O5D NAD G . 8.74 -10.30 -20.41
C5D NAD G . 9.45 -10.68 -19.26
C4D NAD G . 10.13 -9.43 -18.67
O4D NAD G . 9.82 -9.34 -17.15
C3D NAD G . 11.46 -9.52 -18.73
O3D NAD G . 11.88 -10.22 -19.88
C2D NAD G . 11.91 -10.30 -17.41
O2D NAD G . 13.23 -9.94 -17.07
C1D NAD G . 11.07 -9.92 -16.45
N1N NAD G . 10.14 -10.67 -15.57
C2N NAD G . 10.03 -10.32 -14.30
C3N NAD G . 9.17 -10.99 -13.44
C7N NAD G . 9.06 -10.58 -11.96
O7N NAD G . 8.91 -9.45 -11.66
N7N NAD G . 9.12 -11.62 -10.95
C4N NAD G . 8.41 -12.05 -13.94
C5N NAD G . 8.54 -12.39 -15.28
C6N NAD G . 9.42 -11.67 -16.07
C1 GOL H . -10.33 -31.98 4.08
O1 GOL H . -8.98 -31.81 3.71
C2 GOL H . -10.92 -30.61 4.40
O2 GOL H . -9.86 -29.87 4.91
C3 GOL H . -12.00 -30.65 5.49
O3 GOL H . -13.30 -30.83 4.96
C1 GOL I . 14.69 -23.83 -5.21
O1 GOL I . 13.46 -23.32 -5.67
C2 GOL I . 14.51 -25.07 -4.33
O2 GOL I . 15.25 -26.09 -4.91
C3 GOL I . 15.06 -24.88 -2.90
O3 GOL I . 15.05 -26.09 -2.21
MG MG J . 6.00 -7.03 -22.09
#